data_9BG4
#
_entry.id   9BG4
#
_cell.length_a   48.140
_cell.length_b   101.630
_cell.length_c   66.230
_cell.angle_alpha   90.000
_cell.angle_beta   90.940
_cell.angle_gamma   90.000
#
_symmetry.space_group_name_H-M   'P 1 21 1'
#
loop_
_entity.id
_entity.type
_entity.pdbx_description
1 polymer 'GTPase KRas'
2 polymer 'Peptidyl-prolyl cis-trans isomerase A'
3 non-polymer 'PHOSPHOAMINOPHOSPHONIC ACID-GUANYLATE ESTER'
4 non-polymer 'MAGNESIUM ION'
5 non-polymer 'CHLORIDE ION'
6 non-polymer '(2R)-N-[(1P,8S,10S,14S,21M)-22-ethyl-21-{2-[(1R)-1-methoxyethyl]pyridin-3-yl}-18,18-dimethyl-9,15-dioxo-16-oxa-10,22,28-triazapentacyclo[18.5.2.1~2,6~.1~10,14~.0~23,27~]nonacosa-1(25),2(29),3,5,20,23,26-heptaen-8-yl]-3-methyl-2-(N-methylacetamido)butanamide (non-preferred name)'
7 water water
#
loop_
_entity_poly.entity_id
_entity_poly.type
_entity_poly.pdbx_seq_one_letter_code
_entity_poly.pdbx_strand_id
1 'polypeptide(L)'
;SMTEYKLVVVGAVGVGKSALTIQLIQNHFVDEYDPTIEDSYRKQVVIDGETCLLDILDTAGQEEYSAMRDQYMRTGEGFL
CVFAINNTKSFEDIHHYREQIKRVKDSEDVPMVLVGNKCDLPSRTVDTKQAQDLARSYGIPFIETSAKTRQGVDDAFYTL
VREIRKHKEK
;
A,B
2 'polypeptide(L)'
;SMVNPTVFFDIAVDGEPLGRVSFELFADKVPKTAENFRALSTGEKGFGYKGSCFHRIIPGFMCQGGDFTRHNGTGGKSIY
GEKFEDENFILKHTGPGILSMANAGPNTNGSQFFICTAKTEWLDGKHVVFGKVKEGMNIVEAMERFGSRNGKTSKKITIA
DCGQLE
;
C,D
#
# COMPACT_ATOMS: atom_id res chain seq x y z
N SER A 1 -17.19 13.13 -16.24
CA SER A 1 -15.76 12.83 -16.27
C SER A 1 -15.20 12.96 -14.85
N MET A 2 -13.87 12.93 -14.77
N MET A 2 -13.89 12.84 -14.70
CA MET A 2 -13.14 12.86 -13.52
CA MET A 2 -13.28 13.05 -13.40
C MET A 2 -11.90 13.73 -13.63
C MET A 2 -11.93 13.71 -13.59
N THR A 3 -11.33 14.06 -12.46
CA THR A 3 -10.00 14.61 -12.39
C THR A 3 -9.26 13.84 -11.29
N GLU A 4 -7.97 14.11 -11.15
CA GLU A 4 -7.15 13.49 -10.12
C GLU A 4 -6.27 14.57 -9.52
N TYR A 5 -6.04 14.50 -8.20
CA TYR A 5 -5.21 15.47 -7.50
C TYR A 5 -4.19 14.76 -6.63
N LYS A 6 -2.94 15.21 -6.70
CA LYS A 6 -1.88 14.74 -5.84
C LYS A 6 -1.79 15.63 -4.60
N LEU A 7 -2.25 15.10 -3.47
CA LEU A 7 -2.26 15.84 -2.20
C LEU A 7 -1.14 15.29 -1.33
N VAL A 8 -0.41 16.18 -0.66
CA VAL A 8 0.72 15.78 0.19
C VAL A 8 0.47 16.34 1.57
N VAL A 9 0.58 15.47 2.58
CA VAL A 9 0.32 15.85 3.97
C VAL A 9 1.68 16.03 4.64
N VAL A 10 1.94 17.25 5.15
CA VAL A 10 3.22 17.60 5.80
C VAL A 10 2.94 18.23 7.15
N GLY A 11 4.01 18.29 7.97
CA GLY A 11 3.92 18.88 9.30
C GLY A 11 4.80 18.12 10.28
N ALA A 12 5.00 18.69 11.45
CA ALA A 12 5.96 18.16 12.40
C ALA A 12 5.57 16.77 12.88
N VAL A 13 6.55 16.11 13.46
CA VAL A 13 6.33 14.76 13.96
C VAL A 13 5.22 14.75 15.01
N GLY A 14 4.28 13.81 14.87
CA GLY A 14 3.26 13.58 15.88
C GLY A 14 2.04 14.48 15.83
N VAL A 15 1.90 15.34 14.82
CA VAL A 15 0.79 16.29 14.82
C VAL A 15 -0.52 15.66 14.40
N GLY A 16 -0.49 14.48 13.77
CA GLY A 16 -1.69 13.77 13.35
C GLY A 16 -1.85 13.63 11.85
N LYS A 17 -0.78 13.76 11.07
CA LYS A 17 -0.87 13.60 9.62
C LYS A 17 -1.48 12.26 9.27
N SER A 18 -0.97 11.19 9.87
CA SER A 18 -1.44 9.87 9.50
C SER A 18 -2.83 9.62 10.03
N ALA A 19 -3.10 10.05 11.26
CA ALA A 19 -4.43 9.85 11.81
C ALA A 19 -5.49 10.54 10.96
N LEU A 20 -5.17 11.74 10.45
CA LEU A 20 -6.10 12.43 9.55
C LEU A 20 -6.30 11.64 8.27
N THR A 21 -5.20 11.16 7.68
CA THR A 21 -5.29 10.41 6.44
C THR A 21 -6.07 9.12 6.64
N ILE A 22 -5.82 8.40 7.75
CA ILE A 22 -6.49 7.13 8.00
CA ILE A 22 -6.50 7.14 7.98
C ILE A 22 -7.98 7.35 8.23
N GLN A 23 -8.35 8.45 8.88
CA GLN A 23 -9.80 8.78 9.00
C GLN A 23 -10.40 8.93 7.59
N LEU A 24 -9.73 9.68 6.72
CA LEU A 24 -10.29 9.90 5.37
C LEU A 24 -10.41 8.57 4.63
N ILE A 25 -9.40 7.71 4.70
CA ILE A 25 -9.35 6.51 3.87
C ILE A 25 -10.09 5.33 4.52
N GLN A 26 -9.93 5.15 5.83
CA GLN A 26 -10.38 3.95 6.51
C GLN A 26 -11.44 4.20 7.58
N ASN A 27 -11.86 5.44 7.75
CA ASN A 27 -12.98 5.81 8.66
C ASN A 27 -12.79 5.27 10.09
N HIS A 28 -11.60 5.35 10.65
CA HIS A 28 -11.40 5.01 12.05
C HIS A 28 -10.18 5.74 12.59
N PHE A 29 -10.00 5.65 13.91
CA PHE A 29 -8.95 6.31 14.68
C PHE A 29 -8.52 5.38 15.81
N VAL A 30 -7.21 5.27 16.06
CA VAL A 30 -6.68 4.65 17.27
C VAL A 30 -5.66 5.57 17.93
N ASP A 31 -5.57 5.48 19.26
CA ASP A 31 -4.59 6.27 20.01
C ASP A 31 -3.16 5.82 19.77
N GLU A 32 -2.95 4.58 19.32
CA GLU A 32 -1.59 4.08 19.14
C GLU A 32 -0.87 4.87 18.04
N TYR A 33 0.36 5.26 18.32
CA TYR A 33 1.20 5.97 17.35
C TYR A 33 1.98 4.98 16.51
N ASP A 34 1.88 5.10 15.18
CA ASP A 34 2.68 4.30 14.25
C ASP A 34 3.51 5.26 13.39
N PRO A 35 4.75 5.54 13.80
CA PRO A 35 5.55 6.58 13.12
C PRO A 35 5.74 6.27 11.63
N THR A 36 5.54 7.28 10.78
CA THR A 36 5.56 7.07 9.34
C THR A 36 6.96 7.09 8.78
N ILE A 37 7.21 6.21 7.79
CA ILE A 37 8.30 6.36 6.83
C ILE A 37 7.69 7.05 5.61
N GLU A 38 6.74 6.39 4.94
CA GLU A 38 6.02 6.98 3.81
C GLU A 38 4.87 6.06 3.49
N ASP A 39 3.69 6.62 3.22
CA ASP A 39 2.57 5.81 2.76
C ASP A 39 1.75 6.62 1.76
N SER A 40 1.10 5.90 0.84
CA SER A 40 0.27 6.51 -0.20
C SER A 40 -1.09 5.81 -0.24
N TYR A 41 -2.13 6.58 -0.52
CA TYR A 41 -3.50 6.07 -0.57
C TYR A 41 -4.22 6.73 -1.74
N ARG A 42 -5.30 6.10 -2.19
CA ARG A 42 -6.14 6.63 -3.24
C ARG A 42 -7.59 6.50 -2.80
N LYS A 43 -8.40 7.50 -3.16
CA LYS A 43 -9.81 7.48 -2.81
C LYS A 43 -10.58 8.29 -3.85
N GLN A 44 -11.73 7.79 -4.27
CA GLN A 44 -12.61 8.48 -5.19
C GLN A 44 -13.70 9.19 -4.40
N VAL A 45 -13.87 10.48 -4.66
CA VAL A 45 -14.81 11.34 -3.95
C VAL A 45 -15.49 12.26 -4.94
N VAL A 46 -16.55 12.90 -4.47
CA VAL A 46 -17.22 13.96 -5.22
C VAL A 46 -17.12 15.24 -4.41
N ILE A 47 -16.56 16.29 -5.00
CA ILE A 47 -16.37 17.57 -4.34
C ILE A 47 -16.98 18.64 -5.22
N ASP A 48 -17.92 19.40 -4.67
CA ASP A 48 -18.64 20.42 -5.44
C ASP A 48 -19.22 19.85 -6.72
N GLY A 49 -19.80 18.65 -6.63
CA GLY A 49 -20.43 17.99 -7.77
C GLY A 49 -19.48 17.39 -8.78
N GLU A 50 -18.17 17.47 -8.59
CA GLU A 50 -17.17 17.03 -9.55
C GLU A 50 -16.40 15.84 -8.99
N THR A 51 -16.47 14.71 -9.68
CA THR A 51 -15.81 13.51 -9.20
C THR A 51 -14.30 13.63 -9.37
N CYS A 52 -13.58 13.12 -8.39
CA CYS A 52 -12.13 13.12 -8.53
C CYS A 52 -11.52 11.96 -7.77
N LEU A 53 -10.33 11.59 -8.22
N LEU A 53 -10.29 11.68 -8.14
CA LEU A 53 -9.47 10.69 -7.48
CA LEU A 53 -9.47 10.66 -7.50
C LEU A 53 -8.53 11.54 -6.65
C LEU A 53 -8.40 11.38 -6.69
N LEU A 54 -8.40 11.19 -5.38
CA LEU A 54 -7.40 11.82 -4.51
C LEU A 54 -6.25 10.83 -4.36
N ASP A 55 -5.06 11.26 -4.75
N ASP A 55 -5.03 11.28 -4.64
CA ASP A 55 -3.83 10.56 -4.42
CA ASP A 55 -3.84 10.48 -4.41
C ASP A 55 -3.29 11.28 -3.19
C ASP A 55 -3.08 11.14 -3.27
N ILE A 56 -3.18 10.56 -2.07
CA ILE A 56 -2.67 11.18 -0.85
C ILE A 56 -1.33 10.59 -0.49
N LEU A 57 -0.32 11.43 -0.40
CA LEU A 57 1.01 11.04 0.07
C LEU A 57 1.12 11.49 1.51
N ASP A 58 1.24 10.53 2.42
CA ASP A 58 1.37 10.77 3.86
C ASP A 58 2.87 10.73 4.18
N THR A 59 3.45 11.90 4.43
CA THR A 59 4.89 12.01 4.65
C THR A 59 5.24 11.93 6.14
N ALA A 60 6.49 11.59 6.43
CA ALA A 60 7.00 11.65 7.80
C ALA A 60 7.28 13.09 8.18
N GLY A 61 7.15 13.38 9.48
CA GLY A 61 7.44 14.72 9.97
C GLY A 61 8.91 15.11 9.92
N GLN A 62 9.81 14.15 9.82
CA GLN A 62 11.24 14.45 9.87
C GLN A 62 11.64 15.35 8.72
N GLU A 63 12.73 16.11 8.92
CA GLU A 63 13.15 17.18 8.05
C GLU A 63 14.38 16.83 7.20
N GLU A 64 14.96 15.65 7.36
CA GLU A 64 16.14 15.28 6.59
C GLU A 64 15.72 14.70 5.24
N TYR A 65 16.68 14.21 4.48
CA TYR A 65 16.44 13.62 3.15
C TYR A 65 15.81 14.66 2.23
N SER A 66 16.53 15.78 2.09
CA SER A 66 15.97 16.88 1.31
C SER A 66 15.73 16.49 -0.14
N ALA A 67 16.55 15.60 -0.72
CA ALA A 67 16.31 15.21 -2.12
C ALA A 67 14.94 14.54 -2.27
N MET A 68 14.60 13.64 -1.35
CA MET A 68 13.29 12.99 -1.42
C MET A 68 12.17 13.96 -1.10
N ARG A 69 12.37 14.80 -0.09
CA ARG A 69 11.30 15.73 0.27
C ARG A 69 11.07 16.77 -0.81
N ASP A 70 12.14 17.24 -1.47
CA ASP A 70 11.97 18.13 -2.61
C ASP A 70 11.12 17.46 -3.68
N GLN A 71 11.36 16.18 -3.94
CA GLN A 71 10.57 15.46 -4.94
C GLN A 71 9.11 15.37 -4.51
N TYR A 72 8.84 15.13 -3.23
CA TYR A 72 7.45 15.14 -2.76
C TYR A 72 6.77 16.44 -3.15
N MET A 73 7.48 17.56 -2.99
CA MET A 73 6.87 18.85 -3.25
C MET A 73 6.79 19.16 -4.72
N ARG A 74 7.76 18.75 -5.52
N ARG A 74 7.74 18.68 -5.50
CA ARG A 74 7.65 18.96 -6.97
CA ARG A 74 7.75 18.90 -6.94
C ARG A 74 6.42 18.27 -7.54
C ARG A 74 6.55 18.23 -7.60
N THR A 75 6.20 17.01 -7.17
CA THR A 75 5.09 16.24 -7.73
C THR A 75 3.75 16.65 -7.11
N GLY A 76 3.73 17.08 -5.85
CA GLY A 76 2.47 17.42 -5.18
C GLY A 76 1.80 18.63 -5.81
N GLU A 77 0.49 18.58 -5.89
CA GLU A 77 -0.28 19.70 -6.38
C GLU A 77 -0.83 20.58 -5.27
N GLY A 78 -1.06 20.01 -4.10
CA GLY A 78 -1.54 20.80 -2.97
C GLY A 78 -1.05 20.15 -1.71
N PHE A 79 -0.91 20.98 -0.68
CA PHE A 79 -0.29 20.55 0.61
C PHE A 79 -1.24 20.88 1.79
N LEU A 80 -1.47 19.82 2.55
N LEU A 80 -1.35 19.85 2.61
CA LEU A 80 -2.02 20.02 3.88
CA LEU A 80 -2.05 19.97 3.88
C LEU A 80 -0.85 20.26 4.82
C LEU A 80 -0.97 20.18 4.94
N CYS A 81 -0.81 21.39 5.42
CA CYS A 81 0.24 21.81 6.40
C CYS A 81 -0.38 21.67 7.78
N VAL A 82 -0.01 20.62 8.48
CA VAL A 82 -0.69 20.25 9.73
C VAL A 82 0.17 20.65 10.93
N PHE A 83 -0.44 21.29 11.94
CA PHE A 83 0.16 21.43 13.25
C PHE A 83 -0.84 20.90 14.25
N ALA A 84 -0.41 20.74 15.50
CA ALA A 84 -1.32 20.35 16.57
C ALA A 84 -1.58 21.53 17.50
N ILE A 85 -2.84 21.71 17.90
CA ILE A 85 -3.22 22.90 18.67
C ILE A 85 -2.63 22.91 20.06
N ASN A 86 -2.04 21.80 20.49
CA ASN A 86 -1.38 21.71 21.79
C ASN A 86 0.14 21.56 21.65
N ASN A 87 0.70 22.06 20.54
CA ASN A 87 2.13 21.89 20.27
C ASN A 87 2.55 23.19 19.58
N THR A 88 2.98 24.16 20.38
CA THR A 88 3.34 25.46 19.83
C THR A 88 4.52 25.35 18.87
N LYS A 89 5.49 24.48 19.17
CA LYS A 89 6.60 24.31 18.24
C LYS A 89 6.11 23.84 16.87
N SER A 90 5.11 22.95 16.84
CA SER A 90 4.64 22.48 15.54
C SER A 90 4.00 23.60 14.73
N PHE A 91 3.35 24.57 15.40
CA PHE A 91 2.80 25.74 14.75
C PHE A 91 3.92 26.66 14.24
N GLU A 92 4.94 26.86 15.08
CA GLU A 92 6.10 27.62 14.66
C GLU A 92 6.82 26.95 13.49
N ASP A 93 6.72 25.63 13.37
CA ASP A 93 7.40 24.94 12.27
C ASP A 93 6.74 25.20 10.93
N ILE A 94 5.50 25.69 10.91
CA ILE A 94 4.73 25.75 9.66
C ILE A 94 5.43 26.60 8.60
N HIS A 95 5.98 27.75 9.00
CA HIS A 95 6.61 28.60 7.98
C HIS A 95 7.73 27.88 7.23
N HIS A 96 8.45 26.95 7.88
CA HIS A 96 9.52 26.20 7.20
C HIS A 96 8.94 25.34 6.08
N TYR A 97 7.90 24.55 6.39
CA TYR A 97 7.27 23.72 5.38
C TYR A 97 6.80 24.57 4.21
N ARG A 98 6.24 25.72 4.50
CA ARG A 98 5.70 26.60 3.44
C ARG A 98 6.84 27.21 2.59
N GLU A 99 7.90 27.69 3.23
CA GLU A 99 9.03 28.23 2.46
C GLU A 99 9.64 27.17 1.55
N GLN A 100 9.71 25.92 2.03
CA GLN A 100 10.26 24.83 1.22
C GLN A 100 9.39 24.55 0.00
N ILE A 101 8.08 24.53 0.20
CA ILE A 101 7.15 24.26 -0.93
C ILE A 101 7.28 25.39 -1.96
N LYS A 102 7.34 26.63 -1.52
CA LYS A 102 7.45 27.76 -2.43
C LYS A 102 8.75 27.70 -3.21
N ARG A 103 9.84 27.35 -2.56
CA ARG A 103 11.11 27.33 -3.29
C ARG A 103 11.16 26.16 -4.28
N VAL A 104 10.70 24.97 -3.87
CA VAL A 104 10.80 23.82 -4.76
C VAL A 104 9.92 24.03 -5.98
N LYS A 105 8.72 24.58 -5.79
CA LYS A 105 7.76 24.76 -6.84
C LYS A 105 7.89 26.11 -7.55
N ASP A 106 8.87 26.93 -7.15
CA ASP A 106 9.15 28.18 -7.84
C ASP A 106 7.91 29.07 -7.93
N SER A 107 7.24 29.26 -6.79
CA SER A 107 6.00 30.04 -6.80
C SER A 107 5.66 30.53 -5.40
N GLU A 108 5.08 31.72 -5.34
CA GLU A 108 4.51 32.26 -4.11
C GLU A 108 3.06 31.87 -3.89
N ASP A 109 2.44 31.19 -4.86
CA ASP A 109 1.02 30.85 -4.84
C ASP A 109 0.92 29.35 -5.13
N VAL A 110 1.04 28.56 -4.07
CA VAL A 110 0.91 27.09 -4.19
C VAL A 110 -0.32 26.69 -3.37
N PRO A 111 -1.20 25.84 -3.91
CA PRO A 111 -2.35 25.38 -3.14
C PRO A 111 -1.96 24.74 -1.82
N MET A 112 -2.48 25.31 -0.72
CA MET A 112 -2.23 24.73 0.59
C MET A 112 -3.34 25.11 1.56
N VAL A 113 -3.48 24.29 2.60
CA VAL A 113 -4.48 24.55 3.68
C VAL A 113 -3.73 24.39 5.00
N LEU A 114 -3.93 25.34 5.91
CA LEU A 114 -3.35 25.23 7.28
C LEU A 114 -4.34 24.43 8.12
N VAL A 115 -3.87 23.35 8.74
CA VAL A 115 -4.73 22.47 9.50
C VAL A 115 -4.26 22.48 10.95
N GLY A 116 -5.15 22.88 11.86
CA GLY A 116 -4.90 22.79 13.29
C GLY A 116 -5.59 21.58 13.87
N ASN A 117 -4.81 20.51 14.09
CA ASN A 117 -5.37 19.22 14.48
C ASN A 117 -5.35 19.04 16.00
N LYS A 118 -6.07 18.00 16.47
CA LYS A 118 -6.20 17.66 17.90
C LYS A 118 -7.10 18.61 18.65
N CYS A 119 -8.09 19.18 17.96
CA CYS A 119 -8.95 20.15 18.62
CA CYS A 119 -8.95 20.16 18.63
C CYS A 119 -9.86 19.53 19.68
N ASP A 120 -9.91 18.20 19.78
CA ASP A 120 -10.66 17.61 20.87
C ASP A 120 -9.95 17.71 22.21
N LEU A 121 -8.66 18.08 22.25
CA LEU A 121 -7.92 17.97 23.49
C LEU A 121 -8.06 19.24 24.33
N PRO A 122 -7.94 19.12 25.66
CA PRO A 122 -8.12 20.26 26.57
C PRO A 122 -6.86 21.04 26.88
N SER A 123 -5.79 20.81 26.14
CA SER A 123 -4.46 21.31 26.44
C SER A 123 -3.96 22.32 25.40
N ARG A 124 -4.89 23.08 24.80
CA ARG A 124 -4.53 24.01 23.72
C ARG A 124 -3.47 25.02 24.15
N THR A 125 -2.47 25.20 23.27
CA THR A 125 -1.49 26.26 23.41
C THR A 125 -1.48 27.23 22.24
N VAL A 126 -2.12 26.89 21.12
CA VAL A 126 -2.21 27.78 19.95
C VAL A 126 -3.67 28.16 19.80
N ASP A 127 -3.97 29.46 19.93
CA ASP A 127 -5.37 29.81 19.81
C ASP A 127 -5.80 29.96 18.35
N THR A 128 -7.11 29.82 18.14
CA THR A 128 -7.68 29.92 16.79
C THR A 128 -7.27 31.21 16.10
N LYS A 129 -7.29 32.34 16.83
CA LYS A 129 -6.96 33.62 16.21
C LYS A 129 -5.52 33.65 15.68
N GLN A 130 -4.58 33.10 16.45
CA GLN A 130 -3.20 33.01 15.99
C GLN A 130 -3.11 32.27 14.66
N ALA A 131 -3.79 31.13 14.56
CA ALA A 131 -3.73 30.33 13.35
C ALA A 131 -4.46 31.01 12.21
N GLN A 132 -5.62 31.62 12.48
CA GLN A 132 -6.34 32.33 11.43
C GLN A 132 -5.50 33.50 10.92
N ASP A 133 -4.83 34.20 11.83
CA ASP A 133 -3.98 35.32 11.41
C ASP A 133 -2.84 34.82 10.52
N LEU A 134 -2.23 33.68 10.86
CA LEU A 134 -1.15 33.15 10.03
C LEU A 134 -1.68 32.74 8.66
N ALA A 135 -2.82 32.03 8.64
CA ALA A 135 -3.40 31.62 7.36
C ALA A 135 -3.75 32.83 6.51
N ARG A 136 -4.28 33.90 7.13
CA ARG A 136 -4.58 35.11 6.38
C ARG A 136 -3.33 35.73 5.78
N SER A 137 -2.22 35.70 6.52
CA SER A 137 -0.98 36.28 6.00
C SER A 137 -0.43 35.49 4.81
N TYR A 138 -0.80 34.22 4.70
CA TYR A 138 -0.43 33.35 3.59
C TYR A 138 -1.43 33.38 2.46
N GLY A 139 -2.62 33.95 2.68
CA GLY A 139 -3.68 33.86 1.70
C GLY A 139 -4.26 32.48 1.52
N ILE A 140 -4.25 31.68 2.58
CA ILE A 140 -4.74 30.27 2.48
C ILE A 140 -5.83 30.00 3.54
N PRO A 141 -6.64 28.95 3.37
CA PRO A 141 -7.60 28.61 4.39
C PRO A 141 -7.01 27.98 5.64
N PHE A 142 -7.68 28.17 6.77
CA PHE A 142 -7.39 27.47 8.02
C PHE A 142 -8.58 26.60 8.39
N ILE A 143 -8.33 25.34 8.71
CA ILE A 143 -9.36 24.38 9.10
C ILE A 143 -8.89 23.75 10.41
N GLU A 144 -9.75 23.77 11.44
CA GLU A 144 -9.49 23.04 12.67
C GLU A 144 -10.04 21.62 12.56
N THR A 145 -9.26 20.63 13.01
CA THR A 145 -9.67 19.25 12.87
C THR A 145 -9.45 18.47 14.16
N SER A 146 -10.11 17.32 14.21
CA SER A 146 -9.82 16.31 15.23
C SER A 146 -9.89 14.96 14.48
N ALA A 147 -8.77 14.27 14.31
CA ALA A 147 -8.81 12.92 13.73
C ALA A 147 -9.56 11.96 14.67
N LYS A 148 -9.58 12.28 15.96
CA LYS A 148 -10.22 11.38 16.95
C LYS A 148 -11.75 11.41 16.77
N THR A 149 -12.32 12.60 16.66
CA THR A 149 -13.80 12.72 16.55
C THR A 149 -14.20 12.76 15.10
N ARG A 150 -13.23 12.92 14.18
CA ARG A 150 -13.49 13.05 12.72
C ARG A 150 -13.93 14.48 12.38
N GLN A 151 -14.00 15.38 13.35
CA GLN A 151 -14.37 16.78 13.03
C GLN A 151 -13.40 17.39 11.98
N GLY A 152 -13.96 17.98 10.93
CA GLY A 152 -13.14 18.73 9.95
C GLY A 152 -12.29 17.87 9.03
N VAL A 153 -12.31 16.57 9.16
CA VAL A 153 -11.35 15.75 8.34
C VAL A 153 -11.68 15.89 6.84
N ASP A 154 -12.91 15.54 6.46
CA ASP A 154 -13.31 15.72 5.04
C ASP A 154 -13.10 17.17 4.62
N ASP A 155 -13.49 18.13 5.43
CA ASP A 155 -13.39 19.54 5.07
C ASP A 155 -11.95 19.94 4.75
N ALA A 156 -10.97 19.45 5.52
CA ALA A 156 -9.58 19.79 5.27
C ALA A 156 -9.14 19.33 3.87
N PHE A 157 -9.41 18.07 3.55
CA PHE A 157 -8.99 17.55 2.26
C PHE A 157 -9.79 18.15 1.11
N TYR A 158 -11.10 18.34 1.28
CA TYR A 158 -11.92 18.89 0.21
C TYR A 158 -11.58 20.35 -0.03
N THR A 159 -11.32 21.10 1.05
CA THR A 159 -10.87 22.47 0.89
C THR A 159 -9.58 22.55 0.09
N LEU A 160 -8.65 21.62 0.35
CA LEU A 160 -7.39 21.63 -0.44
C LEU A 160 -7.69 21.40 -1.94
N VAL A 161 -8.60 20.47 -2.26
CA VAL A 161 -8.96 20.29 -3.66
C VAL A 161 -9.56 21.57 -4.23
N ARG A 162 -10.41 22.24 -3.46
CA ARG A 162 -10.97 23.51 -3.92
C ARG A 162 -9.88 24.54 -4.19
N GLU A 163 -8.85 24.54 -3.36
CA GLU A 163 -7.73 25.49 -3.56
C GLU A 163 -6.94 25.14 -4.85
N ILE A 164 -6.74 23.86 -5.09
CA ILE A 164 -6.06 23.49 -6.33
C ILE A 164 -6.88 23.94 -7.53
N ARG A 165 -8.20 23.70 -7.51
CA ARG A 165 -9.04 24.06 -8.64
C ARG A 165 -9.02 25.57 -8.85
N LYS A 166 -9.05 26.35 -7.75
CA LYS A 166 -8.95 27.80 -7.90
C LYS A 166 -7.63 28.20 -8.52
N HIS A 167 -6.55 27.56 -8.10
CA HIS A 167 -5.24 27.89 -8.64
C HIS A 167 -5.17 27.60 -10.14
N LYS A 168 -5.77 26.50 -10.56
CA LYS A 168 -5.73 26.14 -11.97
C LYS A 168 -6.53 27.09 -12.82
N GLU A 169 -7.48 27.82 -12.25
CA GLU A 169 -8.24 28.79 -13.04
C GLU A 169 -7.41 30.00 -13.42
N LYS A 170 -6.34 30.29 -12.70
CA LYS A 170 -5.56 31.48 -12.98
C LYS A 170 -4.85 31.40 -14.35
N SER B 1 19.71 15.91 -7.81
CA SER B 1 18.29 15.84 -7.54
C SER B 1 17.70 14.68 -8.33
N MET B 2 16.46 14.32 -8.04
CA MET B 2 15.83 13.22 -8.73
C MET B 2 14.70 13.70 -9.63
N THR B 3 14.13 12.75 -10.35
CA THR B 3 13.00 12.99 -11.24
C THR B 3 12.03 11.84 -11.07
N GLU B 4 10.75 12.18 -11.05
CA GLU B 4 9.69 11.16 -10.88
C GLU B 4 9.00 10.88 -12.21
N TYR B 5 8.68 9.62 -12.44
CA TYR B 5 8.03 9.18 -13.69
C TYR B 5 6.77 8.40 -13.34
N LYS B 6 5.66 8.78 -13.96
CA LYS B 6 4.35 8.11 -13.75
C LYS B 6 4.12 7.09 -14.86
N LEU B 7 4.40 5.83 -14.55
CA LEU B 7 4.26 4.73 -15.54
C LEU B 7 2.93 4.00 -15.28
N VAL B 8 2.26 3.57 -16.34
CA VAL B 8 1.01 2.84 -16.23
C VAL B 8 1.17 1.57 -17.05
N VAL B 9 0.84 0.42 -16.45
CA VAL B 9 0.97 -0.88 -17.11
C VAL B 9 -0.43 -1.34 -17.52
N VAL B 10 -0.64 -1.54 -18.83
CA VAL B 10 -1.93 -1.93 -19.39
C VAL B 10 -1.77 -3.16 -20.25
N GLY B 11 -2.89 -3.83 -20.53
CA GLY B 11 -2.89 -5.03 -21.35
C GLY B 11 -3.95 -5.98 -20.89
N ALA B 12 -4.23 -6.99 -21.72
CA ALA B 12 -5.35 -7.91 -21.50
C ALA B 12 -5.15 -8.76 -20.24
N VAL B 13 -6.27 -9.30 -19.78
CA VAL B 13 -6.23 -10.14 -18.57
C VAL B 13 -5.21 -11.26 -18.72
N GLY B 14 -4.36 -11.42 -17.71
CA GLY B 14 -3.44 -12.54 -17.61
C GLY B 14 -2.17 -12.46 -18.43
N VAL B 15 -1.86 -11.33 -19.06
CA VAL B 15 -0.68 -11.28 -19.91
C VAL B 15 0.62 -11.13 -19.13
N GLY B 16 0.53 -10.77 -17.85
CA GLY B 16 1.68 -10.66 -16.98
C GLY B 16 2.01 -9.25 -16.53
N LYS B 17 1.02 -8.34 -16.55
CA LYS B 17 1.27 -6.97 -16.09
C LYS B 17 1.81 -6.97 -14.66
N SER B 18 1.14 -7.69 -13.77
CA SER B 18 1.55 -7.70 -12.38
C SER B 18 2.87 -8.43 -12.21
N ALA B 19 3.05 -9.58 -12.87
CA ALA B 19 4.31 -10.31 -12.74
C ALA B 19 5.49 -9.46 -13.19
N LEU B 20 5.32 -8.70 -14.27
CA LEU B 20 6.39 -7.81 -14.69
C LEU B 20 6.69 -6.76 -13.63
N THR B 21 5.63 -6.14 -13.09
CA THR B 21 5.81 -5.09 -12.08
C THR B 21 6.49 -5.65 -10.84
N ILE B 22 6.05 -6.81 -10.39
CA ILE B 22 6.65 -7.42 -9.19
CA ILE B 22 6.64 -7.42 -9.19
C ILE B 22 8.09 -7.84 -9.44
N GLN B 23 8.41 -8.29 -10.63
CA GLN B 23 9.83 -8.60 -10.92
C GLN B 23 10.66 -7.31 -10.87
N LEU B 24 10.17 -6.24 -11.48
CA LEU B 24 10.91 -4.97 -11.41
C LEU B 24 11.11 -4.51 -9.97
N ILE B 25 10.06 -4.54 -9.18
CA ILE B 25 10.06 -3.94 -7.84
C ILE B 25 10.72 -4.87 -6.83
N GLN B 26 10.30 -6.14 -6.80
CA GLN B 26 10.64 -7.07 -5.72
C GLN B 26 11.57 -8.18 -6.17
N ASN B 27 11.91 -8.26 -7.43
CA ASN B 27 12.90 -9.23 -7.96
C ASN B 27 12.47 -10.67 -7.70
N HIS B 28 11.19 -10.97 -7.76
CA HIS B 28 10.77 -12.37 -7.70
C HIS B 28 9.58 -12.60 -8.62
N PHE B 29 9.28 -13.90 -8.83
CA PHE B 29 8.21 -14.38 -9.68
C PHE B 29 7.61 -15.65 -9.07
N VAL B 30 6.28 -15.75 -9.10
CA VAL B 30 5.59 -17.00 -8.74
C VAL B 30 4.56 -17.34 -9.81
N ASP B 31 4.28 -18.64 -9.95
CA ASP B 31 3.27 -19.08 -10.90
C ASP B 31 1.85 -18.73 -10.44
N GLU B 32 1.62 -18.60 -9.14
CA GLU B 32 0.28 -18.34 -8.63
C GLU B 32 -0.25 -17.00 -9.16
N TYR B 33 -1.51 -17.01 -9.59
CA TYR B 33 -2.15 -15.84 -10.20
C TYR B 33 -2.93 -15.08 -9.10
N ASP B 34 -2.65 -13.79 -8.95
CA ASP B 34 -3.46 -12.93 -8.07
C ASP B 34 -4.11 -11.84 -8.92
N PRO B 35 -5.35 -12.02 -9.34
CA PRO B 35 -5.97 -11.08 -10.27
C PRO B 35 -6.03 -9.67 -9.71
N THR B 36 -5.70 -8.69 -10.52
CA THR B 36 -5.61 -7.32 -10.03
C THR B 36 -6.96 -6.61 -10.04
N ILE B 37 -7.16 -5.77 -9.03
CA ILE B 37 -8.14 -4.68 -9.07
C ILE B 37 -7.37 -3.42 -9.45
N GLU B 38 -6.45 -2.97 -8.59
CA GLU B 38 -5.59 -1.83 -8.88
C GLU B 38 -4.48 -1.85 -7.84
N ASP B 39 -3.22 -1.69 -8.27
CA ASP B 39 -2.14 -1.54 -7.30
C ASP B 39 -1.18 -0.47 -7.77
N SER B 40 -0.56 0.21 -6.82
CA SER B 40 0.38 1.30 -7.12
C SER B 40 1.66 1.08 -6.34
N TYR B 41 2.79 1.35 -6.99
CA TYR B 41 4.09 1.14 -6.32
C TYR B 41 5.01 2.32 -6.56
N ARG B 42 5.97 2.50 -5.66
CA ARG B 42 6.99 3.56 -5.79
C ARG B 42 8.35 2.92 -5.56
N LYS B 43 9.29 3.20 -6.46
CA LYS B 43 10.62 2.62 -6.30
C LYS B 43 11.65 3.61 -6.84
N GLN B 44 12.71 3.85 -6.06
CA GLN B 44 13.83 4.67 -6.47
C GLN B 44 14.87 3.81 -7.18
N VAL B 45 15.30 4.23 -8.37
CA VAL B 45 16.25 3.48 -9.18
C VAL B 45 17.17 4.49 -9.87
N VAL B 46 18.34 4.02 -10.27
CA VAL B 46 19.24 4.83 -11.09
C VAL B 46 19.17 4.33 -12.53
N ILE B 47 18.88 5.23 -13.46
CA ILE B 47 18.76 4.92 -14.87
C ILE B 47 19.71 5.85 -15.62
N ASP B 48 20.71 5.28 -16.29
CA ASP B 48 21.68 6.09 -17.06
C ASP B 48 22.34 7.15 -16.16
N GLY B 49 22.65 6.77 -14.94
CA GLY B 49 23.33 7.64 -14.00
C GLY B 49 22.45 8.64 -13.30
N GLU B 50 21.16 8.70 -13.61
CA GLU B 50 20.27 9.68 -13.01
C GLU B 50 19.34 8.99 -12.02
N THR B 51 19.11 9.62 -10.86
CA THR B 51 18.21 9.03 -9.87
C THR B 51 16.77 9.30 -10.26
N CYS B 52 15.97 8.23 -10.33
CA CYS B 52 14.58 8.28 -10.80
C CYS B 52 13.68 7.69 -9.70
N LEU B 53 12.52 8.30 -9.53
CA LEU B 53 11.49 7.73 -8.65
C LEU B 53 10.41 7.22 -9.60
N LEU B 54 10.26 5.91 -9.69
CA LEU B 54 9.24 5.31 -10.57
C LEU B 54 7.93 5.15 -9.79
N ASP B 55 6.87 5.78 -10.30
CA ASP B 55 5.52 5.55 -9.74
C ASP B 55 4.85 4.62 -10.74
N ILE B 56 4.53 3.42 -10.34
CA ILE B 56 3.97 2.44 -11.30
C ILE B 56 2.52 2.11 -10.92
N LEU B 57 1.63 2.33 -11.86
CA LEU B 57 0.21 1.96 -11.65
C LEU B 57 -0.03 0.65 -12.40
N ASP B 58 -0.33 -0.41 -11.66
CA ASP B 58 -0.58 -1.73 -12.23
C ASP B 58 -2.08 -1.86 -12.36
N THR B 59 -2.59 -1.77 -13.58
CA THR B 59 -4.02 -1.79 -13.84
C THR B 59 -4.52 -3.22 -14.08
N ALA B 60 -5.82 -3.42 -13.89
CA ALA B 60 -6.47 -4.67 -14.26
C ALA B 60 -6.63 -4.76 -15.78
N GLY B 61 -6.64 -5.98 -16.29
CA GLY B 61 -6.84 -6.21 -17.71
C GLY B 61 -8.28 -6.02 -18.18
N GLN B 62 -9.25 -5.96 -17.27
CA GLN B 62 -10.65 -5.86 -17.65
C GLN B 62 -10.89 -4.58 -18.44
N GLU B 63 -11.97 -4.59 -19.23
CA GLU B 63 -12.21 -3.57 -20.23
C GLU B 63 -13.39 -2.65 -19.91
N GLU B 64 -14.00 -2.80 -18.75
CA GLU B 64 -15.10 -1.93 -18.37
C GLU B 64 -14.58 -0.74 -17.55
N TYR B 65 -15.50 0.06 -17.03
CA TYR B 65 -15.17 1.21 -16.19
C TYR B 65 -14.34 2.22 -16.96
N SER B 66 -14.89 2.66 -18.09
CA SER B 66 -14.16 3.57 -18.95
C SER B 66 -13.82 4.87 -18.25
N ALA B 67 -14.65 5.34 -17.32
CA ALA B 67 -14.31 6.59 -16.64
C ALA B 67 -13.01 6.43 -15.87
N MET B 68 -12.87 5.33 -15.14
N MET B 68 -12.87 5.31 -15.14
CA MET B 68 -11.64 5.10 -14.39
CA MET B 68 -11.66 5.05 -14.38
C MET B 68 -10.46 4.85 -15.32
C MET B 68 -10.47 4.82 -15.30
N ARG B 69 -10.66 4.03 -16.35
CA ARG B 69 -9.57 3.72 -17.26
C ARG B 69 -9.06 4.97 -17.97
N ASP B 70 -10.00 5.86 -18.33
CA ASP B 70 -9.60 7.14 -18.97
C ASP B 70 -8.77 7.98 -18.00
N GLN B 71 -9.16 8.00 -16.73
CA GLN B 71 -8.36 8.77 -15.78
C GLN B 71 -6.97 8.20 -15.64
N TYR B 72 -6.83 6.87 -15.65
CA TYR B 72 -5.49 6.29 -15.64
C TYR B 72 -4.64 6.85 -16.77
N MET B 73 -5.24 6.96 -17.95
CA MET B 73 -4.52 7.47 -19.11
C MET B 73 -4.27 8.96 -19.04
N ARG B 74 -5.21 9.75 -18.51
N ARG B 74 -5.20 9.71 -18.47
CA ARG B 74 -4.96 11.19 -18.39
CA ARG B 74 -5.05 11.15 -18.33
C ARG B 74 -3.76 11.47 -17.50
C ARG B 74 -3.85 11.51 -17.47
N THR B 75 -3.69 10.79 -16.35
CA THR B 75 -2.65 11.06 -15.37
C THR B 75 -1.30 10.46 -15.80
N GLY B 76 -1.34 9.29 -16.45
CA GLY B 76 -0.10 8.58 -16.76
C GLY B 76 0.77 9.36 -17.73
N GLU B 77 2.09 9.27 -17.53
CA GLU B 77 3.05 9.88 -18.45
C GLU B 77 3.55 8.92 -19.51
N GLY B 78 3.59 7.64 -19.23
CA GLY B 78 4.01 6.66 -20.21
C GLY B 78 3.34 5.34 -19.93
N PHE B 79 3.17 4.54 -20.98
CA PHE B 79 2.35 3.34 -20.92
C PHE B 79 3.15 2.13 -21.38
N LEU B 80 3.19 1.12 -20.53
CA LEU B 80 3.73 -0.17 -20.90
C LEU B 80 2.56 -0.99 -21.38
N CYS B 81 2.51 -1.26 -22.69
CA CYS B 81 1.38 -1.95 -23.32
C CYS B 81 1.78 -3.39 -23.55
N VAL B 82 1.24 -4.26 -22.73
CA VAL B 82 1.71 -5.64 -22.63
C VAL B 82 0.74 -6.58 -23.34
N PHE B 83 1.26 -7.50 -24.13
CA PHE B 83 0.55 -8.66 -24.61
C PHE B 83 1.39 -9.88 -24.23
N ALA B 84 0.84 -11.07 -24.34
CA ALA B 84 1.61 -12.30 -24.14
C ALA B 84 1.84 -12.99 -25.48
N ILE B 85 3.07 -13.48 -25.67
CA ILE B 85 3.45 -14.07 -26.96
C ILE B 85 2.72 -15.36 -27.29
N ASN B 86 2.02 -15.96 -26.31
CA ASN B 86 1.20 -17.15 -26.52
C ASN B 86 -0.29 -16.84 -26.39
N ASN B 87 -0.68 -15.59 -26.64
CA ASN B 87 -2.08 -15.17 -26.52
C ASN B 87 -2.36 -14.24 -27.70
N THR B 88 -2.86 -14.80 -28.80
CA THR B 88 -3.06 -14.01 -30.01
C THR B 88 -4.09 -12.90 -29.79
N LYS B 89 -5.17 -13.20 -29.06
CA LYS B 89 -6.17 -12.17 -28.78
C LYS B 89 -5.55 -10.97 -28.04
N SER B 90 -4.62 -11.24 -27.12
CA SER B 90 -4.01 -10.13 -26.39
C SER B 90 -3.20 -9.23 -27.32
N PHE B 91 -2.59 -9.81 -28.37
CA PHE B 91 -1.87 -9.01 -29.34
C PHE B 91 -2.84 -8.22 -30.21
N GLU B 92 -3.91 -8.89 -30.65
CA GLU B 92 -4.97 -8.23 -31.41
C GLU B 92 -5.60 -7.10 -30.61
N ASP B 93 -5.58 -7.17 -29.28
CA ASP B 93 -6.16 -6.10 -28.45
C ASP B 93 -5.30 -4.83 -28.44
N ILE B 94 -4.00 -4.93 -28.81
CA ILE B 94 -3.08 -3.85 -28.50
C ILE B 94 -3.53 -2.55 -29.14
N HIS B 95 -4.03 -2.60 -30.38
CA HIS B 95 -4.41 -1.34 -31.02
C HIS B 95 -5.50 -0.63 -30.26
N HIS B 96 -6.37 -1.33 -29.53
CA HIS B 96 -7.35 -0.64 -28.70
C HIS B 96 -6.67 0.26 -27.68
N TYR B 97 -5.61 -0.23 -27.04
CA TYR B 97 -4.94 0.62 -26.05
C TYR B 97 -4.30 1.85 -26.69
N ARG B 98 -3.65 1.69 -27.84
CA ARG B 98 -3.07 2.86 -28.50
C ARG B 98 -4.16 3.85 -28.88
N GLU B 99 -5.27 3.36 -29.42
CA GLU B 99 -6.38 4.25 -29.78
C GLU B 99 -6.92 5.00 -28.56
N GLN B 100 -7.09 4.30 -27.45
CA GLN B 100 -7.68 4.93 -26.24
C GLN B 100 -6.71 5.95 -25.67
N ILE B 101 -5.41 5.62 -25.63
CA ILE B 101 -4.43 6.57 -25.11
C ILE B 101 -4.40 7.83 -25.97
N LYS B 102 -4.40 7.67 -27.29
CA LYS B 102 -4.37 8.85 -28.17
C LYS B 102 -5.63 9.67 -28.01
N ARG B 103 -6.76 9.01 -27.82
CA ARG B 103 -8.07 9.73 -27.66
C ARG B 103 -8.05 10.54 -26.35
N VAL B 104 -7.66 9.91 -25.25
CA VAL B 104 -7.73 10.57 -23.92
C VAL B 104 -6.70 11.69 -23.85
N LYS B 105 -5.50 11.43 -24.35
CA LYS B 105 -4.43 12.42 -24.35
C LYS B 105 -4.56 13.41 -25.48
N ASP B 106 -5.48 13.18 -26.43
CA ASP B 106 -5.65 14.05 -27.60
C ASP B 106 -4.32 14.34 -28.30
N SER B 107 -3.59 13.27 -28.58
CA SER B 107 -2.26 13.41 -29.18
C SER B 107 -1.89 12.15 -29.92
N GLU B 108 -1.09 12.29 -30.97
CA GLU B 108 -0.52 11.10 -31.61
C GLU B 108 0.88 10.75 -31.11
N ASP B 109 1.39 11.50 -30.16
CA ASP B 109 2.77 11.33 -29.65
C ASP B 109 2.66 11.16 -28.14
N VAL B 110 2.53 9.92 -27.68
CA VAL B 110 2.43 9.65 -26.25
C VAL B 110 3.48 8.59 -25.92
N PRO B 111 4.28 8.77 -24.87
CA PRO B 111 5.28 7.76 -24.55
C PRO B 111 4.66 6.39 -24.27
N MET B 112 5.14 5.39 -25.00
CA MET B 112 4.63 4.03 -24.85
C MET B 112 5.68 3.04 -25.35
N VAL B 113 5.62 1.84 -24.79
CA VAL B 113 6.47 0.73 -25.19
C VAL B 113 5.59 -0.49 -25.32
N LEU B 114 5.75 -1.21 -26.45
CA LEU B 114 5.03 -2.47 -26.65
C LEU B 114 5.86 -3.60 -26.09
N VAL B 115 5.24 -4.42 -25.24
CA VAL B 115 5.94 -5.49 -24.54
C VAL B 115 5.29 -6.82 -24.89
N GLY B 116 6.06 -7.76 -25.44
CA GLY B 116 5.61 -9.12 -25.68
C GLY B 116 6.13 -10.00 -24.56
N ASN B 117 5.28 -10.30 -23.58
CA ASN B 117 5.68 -11.01 -22.38
C ASN B 117 5.49 -12.52 -22.54
N LYS B 118 6.01 -13.25 -21.54
CA LYS B 118 5.98 -14.75 -21.52
C LYS B 118 6.88 -15.34 -22.62
N CYS B 119 7.98 -14.65 -22.94
CA CYS B 119 8.82 -15.11 -24.04
C CYS B 119 9.62 -16.35 -23.69
N ASP B 120 9.56 -16.79 -22.43
CA ASP B 120 10.15 -18.04 -22.05
C ASP B 120 9.32 -19.25 -22.46
N LEU B 121 8.05 -19.06 -22.79
CA LEU B 121 7.18 -20.23 -23.05
C LEU B 121 7.28 -20.74 -24.48
N PRO B 122 7.27 -22.07 -24.64
CA PRO B 122 7.42 -22.67 -25.97
C PRO B 122 6.09 -22.88 -26.70
N SER B 123 5.11 -22.05 -26.37
CA SER B 123 3.77 -22.11 -26.95
C SER B 123 3.44 -20.83 -27.74
N ARG B 124 4.45 -20.18 -28.31
CA ARG B 124 4.27 -18.93 -29.03
C ARG B 124 3.21 -19.04 -30.11
N THR B 125 2.37 -18.00 -30.20
CA THR B 125 1.40 -17.85 -31.28
C THR B 125 1.55 -16.52 -31.99
N VAL B 126 2.30 -15.56 -31.44
CA VAL B 126 2.53 -14.25 -32.03
C VAL B 126 4.00 -14.16 -32.40
N ASP B 127 4.28 -14.03 -33.69
CA ASP B 127 5.68 -13.95 -34.12
C ASP B 127 6.30 -12.61 -33.72
N THR B 128 7.59 -12.65 -33.38
CA THR B 128 8.30 -11.42 -33.06
C THR B 128 8.19 -10.40 -34.19
N LYS B 129 8.32 -10.84 -35.45
CA LYS B 129 8.26 -9.90 -36.56
C LYS B 129 6.94 -9.14 -36.59
N GLN B 130 5.81 -9.83 -36.33
CA GLN B 130 4.52 -9.16 -36.34
C GLN B 130 4.49 -8.02 -35.34
N ALA B 131 5.02 -8.28 -34.14
CA ALA B 131 5.02 -7.25 -33.10
C ALA B 131 6.00 -6.13 -33.42
N GLN B 132 7.18 -6.47 -33.95
CA GLN B 132 8.14 -5.45 -34.37
C GLN B 132 7.50 -4.53 -35.42
N ASP B 133 6.82 -5.13 -36.40
CA ASP B 133 6.23 -4.32 -37.46
C ASP B 133 5.14 -3.42 -36.91
N LEU B 134 4.33 -3.92 -35.96
CA LEU B 134 3.28 -3.08 -35.39
C LEU B 134 3.88 -1.91 -34.61
N ALA B 135 4.88 -2.19 -33.76
CA ALA B 135 5.53 -1.11 -33.04
C ALA B 135 6.16 -0.09 -33.98
N ARG B 136 6.82 -0.57 -35.05
CA ARG B 136 7.42 0.35 -35.99
C ARG B 136 6.36 1.25 -36.61
N SER B 137 5.17 0.69 -36.87
CA SER B 137 4.09 1.48 -37.47
C SER B 137 3.54 2.54 -36.51
N TYR B 138 3.68 2.34 -35.22
CA TYR B 138 3.31 3.33 -34.24
C TYR B 138 4.44 4.27 -33.89
N GLY B 139 5.67 3.96 -34.29
CA GLY B 139 6.80 4.78 -33.90
C GLY B 139 7.22 4.57 -32.46
N ILE B 140 7.01 3.38 -31.90
CA ILE B 140 7.30 3.13 -30.49
C ILE B 140 8.23 1.94 -30.37
N PRO B 141 8.96 1.83 -29.25
CA PRO B 141 9.83 0.67 -29.05
C PRO B 141 9.02 -0.59 -28.79
N PHE B 142 9.66 -1.73 -29.10
CA PHE B 142 9.11 -3.05 -28.82
C PHE B 142 10.18 -3.86 -28.12
N ILE B 143 9.79 -4.63 -27.10
CA ILE B 143 10.70 -5.53 -26.44
C ILE B 143 9.95 -6.79 -26.03
N GLU B 144 10.62 -7.94 -26.10
CA GLU B 144 10.11 -9.18 -25.52
C GLU B 144 10.64 -9.36 -24.11
N THR B 145 9.78 -9.84 -23.23
CA THR B 145 10.14 -9.97 -21.82
C THR B 145 9.71 -11.33 -21.29
N SER B 146 10.31 -11.69 -20.15
CA SER B 146 9.83 -12.86 -19.39
C SER B 146 9.89 -12.44 -17.91
N ALA B 147 8.73 -12.31 -17.26
CA ALA B 147 8.73 -12.05 -15.81
C ALA B 147 9.31 -13.25 -15.04
N LYS B 148 9.32 -14.41 -15.68
CA LYS B 148 9.85 -15.63 -15.03
C LYS B 148 11.39 -15.63 -15.05
N THR B 149 11.98 -15.41 -16.22
CA THR B 149 13.46 -15.48 -16.31
C THR B 149 14.07 -14.13 -16.09
N ARG B 150 13.26 -13.07 -16.03
CA ARG B 150 13.71 -11.65 -15.86
C ARG B 150 14.22 -11.08 -17.19
N GLN B 151 14.23 -11.86 -18.25
CA GLN B 151 14.67 -11.34 -19.57
C GLN B 151 13.91 -10.05 -19.91
N GLY B 152 14.64 -8.97 -20.18
CA GLY B 152 14.01 -7.72 -20.65
C GLY B 152 13.20 -6.91 -19.66
N VAL B 153 13.06 -7.34 -18.41
CA VAL B 153 12.13 -6.62 -17.50
C VAL B 153 12.63 -5.20 -17.19
N ASP B 154 13.86 -5.07 -16.70
CA ASP B 154 14.43 -3.72 -16.43
C ASP B 154 14.44 -2.92 -17.74
N ASP B 155 14.85 -3.56 -18.82
CA ASP B 155 14.99 -2.84 -20.08
C ASP B 155 13.65 -2.27 -20.56
N ALA B 156 12.55 -3.02 -20.36
CA ALA B 156 11.25 -2.55 -20.79
C ALA B 156 10.84 -1.29 -20.02
N PHE B 157 10.96 -1.32 -18.68
CA PHE B 157 10.60 -0.14 -17.89
C PHE B 157 11.56 1.03 -18.15
N TYR B 158 12.88 0.74 -18.26
CA TYR B 158 13.84 1.82 -18.46
C TYR B 158 13.67 2.44 -19.84
N THR B 159 13.35 1.64 -20.85
CA THR B 159 13.05 2.17 -22.16
C THR B 159 11.86 3.13 -22.09
N LEU B 160 10.83 2.78 -21.31
CA LEU B 160 9.68 3.67 -21.19
C LEU B 160 10.06 4.99 -20.52
N VAL B 161 10.88 4.93 -19.47
CA VAL B 161 11.43 6.16 -18.88
C VAL B 161 12.15 6.99 -19.93
N ARG B 162 12.97 6.34 -20.78
CA ARG B 162 13.70 7.11 -21.81
C ARG B 162 12.74 7.74 -22.82
N GLU B 163 11.62 7.07 -23.11
CA GLU B 163 10.62 7.67 -24.00
C GLU B 163 9.96 8.89 -23.36
N ILE B 164 9.67 8.83 -22.06
CA ILE B 164 9.10 9.99 -21.37
C ILE B 164 10.09 11.14 -21.38
N ARG B 165 11.37 10.86 -21.06
CA ARG B 165 12.37 11.91 -21.03
C ARG B 165 12.44 12.62 -22.38
N LYS B 166 12.46 11.85 -23.45
CA LYS B 166 12.56 12.43 -24.77
C LYS B 166 11.36 13.32 -25.06
N HIS B 167 10.18 12.88 -24.66
CA HIS B 167 8.98 13.67 -24.90
C HIS B 167 9.01 14.95 -24.09
N LYS B 168 9.46 14.87 -22.85
CA LYS B 168 9.44 16.08 -22.02
C LYS B 168 10.53 17.08 -22.43
N GLU B 169 11.68 16.60 -22.89
CA GLU B 169 12.82 17.47 -23.22
C GLU B 169 12.73 18.03 -24.64
N LYS B 170 11.83 17.52 -25.47
CA LYS B 170 11.76 17.82 -26.90
C LYS B 170 11.89 19.30 -27.19
N MET C 2 -42.92 -23.86 -5.01
CA MET C 2 -42.83 -24.01 -3.53
C MET C 2 -42.09 -22.84 -2.92
N VAL C 3 -42.01 -22.82 -1.60
CA VAL C 3 -41.32 -21.72 -0.88
C VAL C 3 -39.85 -21.72 -1.33
N ASN C 4 -39.37 -20.57 -1.78
CA ASN C 4 -37.93 -20.44 -2.15
C ASN C 4 -37.09 -20.92 -0.96
N PRO C 5 -35.99 -21.64 -1.20
CA PRO C 5 -35.14 -22.06 -0.09
C PRO C 5 -34.41 -20.90 0.54
N THR C 6 -34.08 -21.16 1.83
N THR C 6 -34.09 -21.12 1.82
CA THR C 6 -33.25 -20.25 2.61
CA THR C 6 -33.20 -20.19 2.49
C THR C 6 -31.98 -20.98 3.01
C THR C 6 -31.99 -20.92 3.04
N VAL C 7 -30.84 -20.27 2.94
CA VAL C 7 -29.58 -20.82 3.41
C VAL C 7 -28.93 -19.81 4.34
N PHE C 8 -28.01 -20.30 5.18
CA PHE C 8 -27.29 -19.45 6.11
C PHE C 8 -25.79 -19.63 5.93
N PHE C 9 -25.06 -18.54 6.19
CA PHE C 9 -23.62 -18.53 6.40
C PHE C 9 -23.34 -18.00 7.80
N ASP C 10 -22.53 -18.73 8.55
CA ASP C 10 -21.95 -18.22 9.79
C ASP C 10 -20.58 -17.66 9.43
N ILE C 11 -20.43 -16.34 9.52
CA ILE C 11 -19.23 -15.65 9.06
C ILE C 11 -18.29 -15.54 10.23
N ALA C 12 -17.00 -15.76 9.97
CA ALA C 12 -15.97 -15.63 10.99
C ALA C 12 -14.87 -14.66 10.54
N VAL C 13 -14.18 -14.08 11.53
CA VAL C 13 -13.07 -13.15 11.35
C VAL C 13 -11.88 -13.80 12.03
N ASP C 14 -10.86 -14.18 11.27
CA ASP C 14 -9.75 -14.98 11.80
C ASP C 14 -10.25 -16.11 12.70
N GLY C 15 -11.32 -16.78 12.29
CA GLY C 15 -11.87 -17.90 13.03
C GLY C 15 -12.86 -17.56 14.14
N GLU C 16 -13.01 -16.30 14.51
CA GLU C 16 -13.93 -15.96 15.58
C GLU C 16 -15.29 -15.59 14.99
N PRO C 17 -16.40 -16.05 15.57
CA PRO C 17 -17.70 -15.73 14.96
C PRO C 17 -17.93 -14.23 14.88
N LEU C 18 -18.42 -13.80 13.72
CA LEU C 18 -18.86 -12.44 13.53
C LEU C 18 -20.38 -12.37 13.62
N GLY C 19 -21.07 -13.16 12.81
CA GLY C 19 -22.52 -13.27 12.88
C GLY C 19 -23.02 -14.10 11.72
N ARG C 20 -24.33 -14.23 11.66
CA ARG C 20 -24.99 -15.03 10.64
C ARG C 20 -25.61 -14.16 9.57
N VAL C 21 -25.47 -14.58 8.30
CA VAL C 21 -26.21 -13.98 7.20
C VAL C 21 -27.07 -15.08 6.60
N SER C 22 -28.35 -14.81 6.41
CA SER C 22 -29.20 -15.74 5.70
C SER C 22 -29.63 -15.13 4.37
N PHE C 23 -29.98 -16.02 3.43
CA PHE C 23 -30.34 -15.63 2.08
C PHE C 23 -31.59 -16.36 1.63
N GLU C 24 -32.46 -15.63 0.94
CA GLU C 24 -33.52 -16.23 0.15
C GLU C 24 -32.97 -16.48 -1.25
N LEU C 25 -33.11 -17.71 -1.74
CA LEU C 25 -32.70 -18.07 -3.09
C LEU C 25 -33.91 -18.12 -4.00
N PHE C 26 -33.84 -17.38 -5.11
CA PHE C 26 -35.01 -17.21 -5.99
C PHE C 26 -35.14 -18.39 -6.93
N ALA C 27 -35.42 -19.55 -6.35
CA ALA C 27 -35.63 -20.76 -7.15
C ALA C 27 -36.84 -20.62 -8.06
N ASP C 28 -37.82 -19.79 -7.67
CA ASP C 28 -39.00 -19.57 -8.51
C ASP C 28 -38.67 -18.86 -9.82
N LYS C 29 -37.58 -18.10 -9.89
CA LYS C 29 -37.24 -17.37 -11.10
C LYS C 29 -35.94 -17.81 -11.73
N VAL C 30 -35.02 -18.38 -10.95
CA VAL C 30 -33.68 -18.68 -11.43
C VAL C 30 -33.33 -20.07 -10.87
N PRO C 31 -34.06 -21.12 -11.25
CA PRO C 31 -33.94 -22.38 -10.51
C PRO C 31 -32.57 -23.05 -10.59
N LYS C 32 -31.92 -23.08 -11.76
CA LYS C 32 -30.66 -23.82 -11.85
C LYS C 32 -29.60 -23.11 -11.02
N THR C 33 -29.58 -21.78 -11.06
CA THR C 33 -28.57 -21.02 -10.33
C THR C 33 -28.84 -21.05 -8.84
N ALA C 34 -30.11 -20.95 -8.45
CA ALA C 34 -30.43 -21.09 -7.03
C ALA C 34 -30.04 -22.46 -6.51
N GLU C 35 -30.31 -23.51 -7.29
CA GLU C 35 -30.02 -24.87 -6.84
C GLU C 35 -28.52 -25.10 -6.65
N ASN C 36 -27.69 -24.56 -7.55
CA ASN C 36 -26.24 -24.64 -7.37
C ASN C 36 -25.83 -24.04 -6.02
N PHE C 37 -26.29 -22.81 -5.74
CA PHE C 37 -25.88 -22.17 -4.50
C PHE C 37 -26.41 -22.91 -3.29
N ARG C 38 -27.64 -23.41 -3.36
CA ARG C 38 -28.22 -24.19 -2.27
C ARG C 38 -27.34 -25.40 -1.96
N ALA C 39 -27.04 -26.20 -2.99
CA ALA C 39 -26.27 -27.42 -2.80
C ALA C 39 -24.85 -27.12 -2.34
N LEU C 40 -24.23 -26.06 -2.84
CA LEU C 40 -22.91 -25.72 -2.35
C LEU C 40 -22.94 -25.28 -0.90
N SER C 41 -24.09 -24.71 -0.46
CA SER C 41 -24.21 -24.29 0.93
C SER C 41 -24.42 -25.47 1.87
N THR C 42 -25.09 -26.54 1.41
CA THR C 42 -25.24 -27.69 2.30
C THR C 42 -24.03 -28.61 2.26
N GLY C 43 -23.22 -28.53 1.20
CA GLY C 43 -22.13 -29.48 1.01
C GLY C 43 -22.56 -30.87 0.55
N GLU C 44 -23.82 -31.05 0.17
CA GLU C 44 -24.33 -32.40 -0.06
C GLU C 44 -23.69 -33.13 -1.25
N LYS C 45 -23.03 -32.43 -2.17
CA LYS C 45 -22.33 -33.09 -3.25
C LYS C 45 -20.93 -33.52 -2.86
N GLY C 46 -20.50 -33.21 -1.65
CA GLY C 46 -19.15 -33.52 -1.19
C GLY C 46 -18.17 -32.40 -1.35
N PHE C 47 -18.62 -31.21 -1.72
CA PHE C 47 -17.78 -30.03 -1.83
C PHE C 47 -18.70 -28.82 -1.64
N GLY C 48 -18.13 -27.64 -1.41
CA GLY C 48 -18.97 -26.46 -1.30
C GLY C 48 -18.32 -25.36 -0.48
N TYR C 49 -19.16 -24.46 -0.01
CA TYR C 49 -18.67 -23.20 0.54
C TYR C 49 -18.05 -23.29 1.93
N LYS C 50 -18.37 -24.29 2.73
CA LYS C 50 -17.91 -24.31 4.12
C LYS C 50 -16.38 -24.24 4.19
N GLY C 51 -15.89 -23.26 4.96
CA GLY C 51 -14.46 -23.04 5.11
C GLY C 51 -13.88 -22.01 4.17
N SER C 52 -14.61 -21.61 3.11
CA SER C 52 -14.04 -20.72 2.11
C SER C 52 -14.11 -19.27 2.55
N CYS C 53 -13.41 -18.44 1.79
CA CYS C 53 -13.09 -17.07 2.17
C CYS C 53 -13.86 -16.05 1.33
N PHE C 54 -14.23 -14.93 1.94
CA PHE C 54 -14.62 -13.73 1.20
C PHE C 54 -13.33 -13.01 0.87
N HIS C 55 -12.76 -13.32 -0.31
CA HIS C 55 -11.40 -12.88 -0.62
C HIS C 55 -11.35 -11.45 -1.12
N ARG C 56 -12.45 -10.91 -1.62
CA ARG C 56 -12.42 -9.59 -2.26
C ARG C 56 -13.59 -8.79 -1.69
N ILE C 57 -13.31 -7.77 -0.90
CA ILE C 57 -14.36 -6.92 -0.34
C ILE C 57 -13.99 -5.47 -0.62
N ILE C 58 -14.83 -4.77 -1.39
CA ILE C 58 -14.55 -3.39 -1.77
C ILE C 58 -15.66 -2.51 -1.23
N PRO C 59 -15.37 -1.67 -0.23
CA PRO C 59 -16.41 -0.82 0.36
C PRO C 59 -17.08 0.06 -0.69
N GLY C 60 -18.40 0.14 -0.58
CA GLY C 60 -19.21 0.84 -1.55
C GLY C 60 -19.75 -0.03 -2.64
N PHE C 61 -19.29 -1.29 -2.73
CA PHE C 61 -19.65 -2.11 -3.87
C PHE C 61 -20.11 -3.51 -3.47
N MET C 62 -19.22 -4.37 -2.96
CA MET C 62 -19.65 -5.75 -2.76
C MET C 62 -18.69 -6.51 -1.88
N CYS C 63 -19.19 -7.66 -1.40
CA CYS C 63 -18.36 -8.70 -0.78
C CYS C 63 -18.41 -9.94 -1.66
N GLN C 64 -17.25 -10.38 -2.15
CA GLN C 64 -17.14 -11.50 -3.08
C GLN C 64 -16.43 -12.67 -2.43
N GLY C 65 -16.93 -13.88 -2.66
CA GLY C 65 -16.30 -15.08 -2.12
C GLY C 65 -16.62 -16.29 -2.94
N GLY C 66 -16.35 -17.47 -2.38
CA GLY C 66 -16.81 -18.69 -2.97
C GLY C 66 -15.77 -19.56 -3.67
N ASP C 67 -14.48 -19.24 -3.58
CA ASP C 67 -13.44 -20.07 -4.20
C ASP C 67 -13.02 -21.15 -3.20
N PHE C 68 -13.67 -22.31 -3.27
CA PHE C 68 -13.33 -23.44 -2.41
C PHE C 68 -12.38 -24.44 -3.07
N THR C 69 -11.94 -24.20 -4.30
CA THR C 69 -11.05 -25.14 -4.98
C THR C 69 -9.59 -24.68 -5.02
N ARG C 70 -9.31 -23.41 -5.26
CA ARG C 70 -7.95 -22.90 -5.27
C ARG C 70 -7.64 -22.03 -4.08
N HIS C 71 -8.66 -21.59 -3.37
CA HIS C 71 -8.46 -20.83 -2.14
C HIS C 71 -7.69 -19.53 -2.37
N ASN C 72 -7.77 -18.95 -3.59
CA ASN C 72 -6.99 -17.73 -3.86
C ASN C 72 -7.74 -16.75 -4.77
N GLY C 73 -9.05 -16.88 -4.91
CA GLY C 73 -9.84 -15.97 -5.71
C GLY C 73 -9.90 -16.30 -7.19
N THR C 74 -9.23 -17.36 -7.62
CA THR C 74 -9.20 -17.70 -9.03
C THR C 74 -10.08 -18.89 -9.37
N GLY C 75 -10.55 -19.67 -8.39
CA GLY C 75 -11.14 -20.96 -8.64
C GLY C 75 -12.62 -21.01 -8.35
N GLY C 76 -13.10 -22.22 -8.06
CA GLY C 76 -14.49 -22.54 -7.82
C GLY C 76 -15.03 -23.47 -8.90
N LYS C 77 -16.13 -24.15 -8.58
CA LYS C 77 -16.78 -25.07 -9.50
C LYS C 77 -18.24 -25.17 -9.09
N SER C 78 -19.09 -25.44 -10.07
CA SER C 78 -20.51 -25.61 -9.81
C SER C 78 -20.82 -27.07 -9.57
N ILE C 79 -22.09 -27.35 -9.23
CA ILE C 79 -22.56 -28.72 -9.14
C ILE C 79 -22.82 -29.34 -10.51
N TYR C 80 -22.69 -28.57 -11.59
CA TYR C 80 -22.96 -29.04 -12.94
C TYR C 80 -21.70 -29.27 -13.75
N GLY C 81 -20.53 -29.02 -13.17
CA GLY C 81 -19.28 -28.97 -13.87
C GLY C 81 -18.54 -27.70 -13.51
N GLU C 82 -17.40 -27.50 -14.15
CA GLU C 82 -16.59 -26.34 -13.81
C GLU C 82 -17.37 -25.05 -14.01
N LYS C 83 -18.17 -24.97 -15.05
CA LYS C 83 -18.90 -23.76 -15.38
C LYS C 83 -20.30 -24.11 -15.88
N PHE C 84 -21.21 -23.16 -15.75
CA PHE C 84 -22.52 -23.29 -16.37
C PHE C 84 -23.00 -21.97 -16.93
N GLU C 85 -23.99 -22.07 -17.82
CA GLU C 85 -24.40 -20.92 -18.62
C GLU C 85 -25.19 -19.92 -17.78
N ASP C 86 -25.20 -18.68 -18.24
CA ASP C 86 -26.06 -17.66 -17.64
C ASP C 86 -27.53 -18.05 -17.85
N GLU C 87 -28.26 -18.24 -16.75
CA GLU C 87 -29.59 -18.82 -16.84
C GLU C 87 -30.62 -17.81 -17.38
N ASN C 88 -30.66 -16.62 -16.81
CA ASN C 88 -31.51 -15.54 -17.29
C ASN C 88 -31.00 -14.27 -16.62
N PHE C 89 -31.48 -13.13 -17.10
CA PHE C 89 -31.17 -11.83 -16.51
C PHE C 89 -32.44 -11.12 -16.06
N ILE C 90 -33.40 -11.88 -15.54
CA ILE C 90 -34.67 -11.30 -15.11
C ILE C 90 -34.45 -10.29 -14.00
N LEU C 91 -33.65 -10.66 -12.99
CA LEU C 91 -33.47 -9.83 -11.83
C LEU C 91 -32.23 -8.94 -11.94
N LYS C 92 -32.29 -7.80 -11.27
CA LYS C 92 -31.29 -6.77 -11.38
C LYS C 92 -30.60 -6.50 -10.06
N HIS C 93 -29.45 -5.82 -10.16
CA HIS C 93 -28.64 -5.47 -9.00
C HIS C 93 -29.14 -4.18 -8.39
N THR C 94 -30.27 -4.29 -7.67
CA THR C 94 -31.10 -3.13 -7.34
C THR C 94 -30.62 -2.37 -6.10
N GLY C 95 -29.81 -2.96 -5.22
CA GLY C 95 -29.46 -2.30 -3.99
C GLY C 95 -28.71 -3.24 -3.06
N PRO C 96 -28.45 -2.78 -1.86
CA PRO C 96 -27.76 -3.62 -0.88
C PRO C 96 -28.46 -4.95 -0.64
N GLY C 97 -27.65 -6.02 -0.50
CA GLY C 97 -28.17 -7.32 -0.15
C GLY C 97 -28.41 -8.24 -1.33
N ILE C 98 -28.34 -7.76 -2.57
CA ILE C 98 -28.55 -8.62 -3.73
C ILE C 98 -27.41 -9.62 -3.82
N LEU C 99 -27.77 -10.89 -4.10
CA LEU C 99 -26.84 -11.99 -4.26
C LEU C 99 -26.78 -12.40 -5.73
N SER C 100 -25.56 -12.41 -6.29
CA SER C 100 -25.38 -12.54 -7.73
C SER C 100 -24.13 -13.38 -8.00
N MET C 101 -24.08 -14.00 -9.19
CA MET C 101 -22.92 -14.82 -9.54
C MET C 101 -21.75 -13.99 -10.07
N ALA C 102 -20.57 -14.29 -9.56
CA ALA C 102 -19.34 -13.77 -10.16
C ALA C 102 -19.03 -14.54 -11.43
N ASN C 103 -18.23 -13.96 -12.32
CA ASN C 103 -17.90 -14.69 -13.54
C ASN C 103 -16.68 -14.04 -14.19
N ALA C 104 -16.19 -14.71 -15.23
CA ALA C 104 -15.07 -14.24 -16.04
C ALA C 104 -15.53 -13.97 -17.45
N GLY C 105 -16.77 -13.56 -17.64
CA GLY C 105 -17.31 -13.39 -18.97
C GLY C 105 -18.55 -14.25 -19.15
N PRO C 106 -19.15 -14.20 -20.34
CA PRO C 106 -20.40 -14.92 -20.57
C PRO C 106 -20.28 -16.41 -20.28
N ASN C 107 -21.30 -16.95 -19.61
CA ASN C 107 -21.45 -18.39 -19.43
C ASN C 107 -20.29 -19.03 -18.69
N THR C 108 -19.84 -18.38 -17.62
CA THR C 108 -18.72 -18.91 -16.85
C THR C 108 -19.04 -18.98 -15.36
N ASN C 109 -20.31 -19.16 -15.01
CA ASN C 109 -20.69 -19.31 -13.60
C ASN C 109 -20.10 -20.57 -13.00
N GLY C 110 -19.56 -20.47 -11.79
CA GLY C 110 -19.00 -21.61 -11.10
C GLY C 110 -19.58 -21.67 -9.72
N SER C 111 -18.76 -21.27 -8.74
CA SER C 111 -19.22 -21.08 -7.37
C SER C 111 -19.05 -19.68 -6.84
N GLN C 112 -18.15 -18.87 -7.39
CA GLN C 112 -17.94 -17.56 -6.81
C GLN C 112 -19.20 -16.71 -6.98
N PHE C 113 -19.44 -15.86 -5.99
CA PHE C 113 -20.65 -15.07 -5.90
C PHE C 113 -20.28 -13.75 -5.23
N PHE C 114 -21.23 -12.82 -5.23
CA PHE C 114 -21.00 -11.59 -4.49
C PHE C 114 -22.31 -11.10 -3.90
N ILE C 115 -22.18 -10.40 -2.80
CA ILE C 115 -23.29 -9.72 -2.12
C ILE C 115 -23.10 -8.23 -2.32
N CYS C 116 -24.07 -7.60 -2.98
CA CYS C 116 -23.96 -6.16 -3.19
C CYS C 116 -24.11 -5.41 -1.88
N THR C 117 -23.35 -4.33 -1.71
CA THR C 117 -23.56 -3.45 -0.58
C THR C 117 -24.14 -2.11 -1.02
N ALA C 118 -24.37 -1.97 -2.31
CA ALA C 118 -24.97 -0.79 -2.93
C ALA C 118 -25.56 -1.27 -4.24
N LYS C 119 -26.37 -0.42 -4.87
CA LYS C 119 -26.86 -0.69 -6.21
C LYS C 119 -25.68 -0.75 -7.19
N THR C 120 -25.64 -1.79 -8.02
CA THR C 120 -24.54 -1.98 -9.00
C THR C 120 -25.13 -2.25 -10.39
N GLU C 121 -25.88 -1.26 -10.90
CA GLU C 121 -26.71 -1.49 -12.07
C GLU C 121 -25.91 -1.79 -13.33
N TRP C 122 -24.64 -1.39 -13.37
CA TRP C 122 -23.83 -1.66 -14.55
C TRP C 122 -23.53 -3.14 -14.70
N LEU C 123 -23.81 -3.94 -13.68
CA LEU C 123 -23.67 -5.38 -13.79
C LEU C 123 -24.92 -6.07 -14.33
N ASP C 124 -26.03 -5.34 -14.46
CA ASP C 124 -27.25 -5.94 -14.97
C ASP C 124 -27.03 -6.45 -16.37
N GLY C 125 -27.51 -7.66 -16.63
CA GLY C 125 -27.35 -8.28 -17.93
C GLY C 125 -26.02 -8.95 -18.13
N LYS C 126 -25.14 -8.89 -17.14
CA LYS C 126 -23.84 -9.53 -17.21
C LYS C 126 -23.64 -10.56 -16.10
N HIS C 127 -24.21 -10.34 -14.93
CA HIS C 127 -24.11 -11.24 -13.79
C HIS C 127 -25.52 -11.67 -13.42
N VAL C 128 -25.71 -12.97 -13.21
CA VAL C 128 -27.02 -13.52 -12.89
C VAL C 128 -27.34 -13.31 -11.40
N VAL C 129 -28.39 -12.53 -11.16
CA VAL C 129 -28.92 -12.32 -9.81
C VAL C 129 -29.84 -13.47 -9.47
N PHE C 130 -29.66 -14.04 -8.28
CA PHE C 130 -30.44 -15.22 -7.93
C PHE C 130 -30.89 -15.30 -6.48
N GLY C 131 -30.64 -14.28 -5.67
CA GLY C 131 -31.08 -14.31 -4.30
C GLY C 131 -30.90 -12.95 -3.65
N LYS C 132 -31.16 -12.91 -2.33
CA LYS C 132 -30.91 -11.68 -1.58
C LYS C 132 -30.71 -12.04 -0.13
N VAL C 133 -30.01 -11.17 0.60
CA VAL C 133 -29.93 -11.28 2.06
C VAL C 133 -31.32 -11.17 2.65
N LYS C 134 -31.64 -12.10 3.55
CA LYS C 134 -32.87 -12.07 4.32
C LYS C 134 -32.55 -11.43 5.67
N GLU C 135 -31.83 -12.12 6.55
CA GLU C 135 -31.38 -11.56 7.81
C GLU C 135 -29.87 -11.37 7.81
N GLY C 136 -29.41 -10.35 8.52
CA GLY C 136 -27.99 -10.15 8.70
C GLY C 136 -27.34 -9.11 7.80
N MET C 137 -28.12 -8.18 7.24
CA MET C 137 -27.44 -7.08 6.53
C MET C 137 -26.45 -6.37 7.43
N ASN C 138 -26.72 -6.26 8.73
CA ASN C 138 -25.75 -5.62 9.61
C ASN C 138 -24.43 -6.40 9.66
N ILE C 139 -24.49 -7.72 9.48
CA ILE C 139 -23.27 -8.52 9.41
C ILE C 139 -22.53 -8.27 8.10
N VAL C 140 -23.28 -8.12 6.99
CA VAL C 140 -22.65 -7.78 5.71
C VAL C 140 -21.99 -6.40 5.79
N GLU C 141 -22.64 -5.45 6.48
CA GLU C 141 -22.04 -4.14 6.69
C GLU C 141 -20.74 -4.22 7.48
N ALA C 142 -20.68 -5.11 8.48
CA ALA C 142 -19.44 -5.32 9.20
C ALA C 142 -18.39 -5.92 8.30
N MET C 143 -18.75 -6.94 7.51
CA MET C 143 -17.80 -7.52 6.56
C MET C 143 -17.21 -6.45 5.65
N GLU C 144 -18.05 -5.54 5.19
CA GLU C 144 -17.61 -4.50 4.28
C GLU C 144 -16.49 -3.64 4.88
N ARG C 145 -16.52 -3.43 6.19
CA ARG C 145 -15.51 -2.60 6.85
C ARG C 145 -14.12 -3.26 6.86
N PHE C 146 -14.03 -4.55 6.61
CA PHE C 146 -12.76 -5.21 6.51
C PHE C 146 -12.13 -5.08 5.13
N GLY C 147 -12.85 -4.54 4.14
CA GLY C 147 -12.34 -4.43 2.80
C GLY C 147 -11.48 -3.20 2.58
N SER C 148 -11.12 -3.00 1.32
CA SER C 148 -10.27 -1.88 0.92
C SER C 148 -10.46 -1.68 -0.56
N ARG C 149 -9.83 -0.60 -1.08
N ARG C 149 -9.81 -0.64 -1.09
CA ARG C 149 -9.97 -0.21 -2.48
CA ARG C 149 -10.07 -0.24 -2.48
C ARG C 149 -9.68 -1.36 -3.44
C ARG C 149 -9.64 -1.30 -3.48
N ASN C 150 -8.63 -2.12 -3.16
CA ASN C 150 -8.21 -3.20 -4.06
C ASN C 150 -8.82 -4.52 -3.68
N GLY C 151 -9.72 -4.54 -2.68
CA GLY C 151 -10.42 -5.74 -2.29
C GLY C 151 -9.75 -6.55 -1.22
N LYS C 152 -8.48 -6.32 -0.92
CA LYS C 152 -7.79 -7.09 0.10
C LYS C 152 -8.40 -6.77 1.47
N THR C 153 -8.58 -7.80 2.28
CA THR C 153 -9.22 -7.62 3.57
C THR C 153 -8.20 -7.52 4.70
N SER C 154 -8.56 -6.79 5.74
CA SER C 154 -7.62 -6.49 6.81
C SER C 154 -7.51 -7.63 7.80
N LYS C 155 -8.50 -8.52 7.82
CA LYS C 155 -8.47 -9.78 8.53
C LYS C 155 -9.15 -10.80 7.63
N LYS C 156 -8.98 -12.07 7.94
CA LYS C 156 -9.48 -13.11 7.06
C LYS C 156 -10.95 -13.42 7.36
N ILE C 157 -11.81 -13.24 6.37
CA ILE C 157 -13.25 -13.36 6.51
C ILE C 157 -13.67 -14.67 5.86
N THR C 158 -14.25 -15.59 6.64
CA THR C 158 -14.59 -16.90 6.11
C THR C 158 -16.02 -17.31 6.46
N ILE C 159 -16.48 -18.30 5.70
CA ILE C 159 -17.74 -19.00 5.94
C ILE C 159 -17.40 -20.17 6.86
N ALA C 160 -17.51 -19.97 8.17
CA ALA C 160 -17.12 -21.01 9.11
C ALA C 160 -18.12 -22.16 9.10
N ASP C 161 -19.39 -21.87 8.83
CA ASP C 161 -20.41 -22.91 8.70
C ASP C 161 -21.45 -22.38 7.74
N CYS C 162 -22.19 -23.31 7.11
CA CYS C 162 -23.25 -22.93 6.20
C CYS C 162 -24.17 -24.13 6.00
N GLY C 163 -25.41 -23.83 5.60
CA GLY C 163 -26.39 -24.89 5.42
C GLY C 163 -27.71 -24.33 5.02
N GLN C 164 -28.71 -25.20 4.99
CA GLN C 164 -30.05 -24.84 4.56
C GLN C 164 -30.96 -24.79 5.77
N LEU C 165 -31.76 -23.73 5.87
CA LEU C 165 -32.77 -23.60 6.92
C LEU C 165 -34.07 -24.29 6.50
N GLU C 166 -34.84 -24.73 7.49
CA GLU C 166 -36.13 -25.37 7.21
C GLU C 166 -37.04 -24.45 6.40
N SER D 1 37.77 -10.37 20.81
CA SER D 1 38.49 -9.19 21.30
C SER D 1 39.07 -9.44 22.68
N MET D 2 40.26 -8.87 22.93
CA MET D 2 40.84 -8.87 24.26
C MET D 2 40.22 -7.83 25.20
N VAL D 3 39.43 -6.88 24.68
CA VAL D 3 38.91 -5.77 25.49
C VAL D 3 37.38 -5.61 25.42
N ASN D 4 36.79 -5.77 24.23
CA ASN D 4 35.38 -5.47 23.99
C ASN D 4 34.52 -6.71 24.19
N PRO D 5 33.35 -6.54 24.83
CA PRO D 5 32.45 -7.68 25.03
C PRO D 5 31.77 -8.09 23.73
N THR D 6 31.34 -9.34 23.71
CA THR D 6 30.54 -9.91 22.62
C THR D 6 29.19 -10.31 23.16
N VAL D 7 28.12 -9.91 22.47
CA VAL D 7 26.78 -10.35 22.84
C VAL D 7 26.15 -11.00 21.61
N PHE D 8 25.08 -11.75 21.83
CA PHE D 8 24.41 -12.42 20.73
C PHE D 8 22.91 -12.23 20.82
N PHE D 9 22.27 -12.31 19.65
CA PHE D 9 20.83 -12.44 19.49
C PHE D 9 20.55 -13.74 18.72
N ASP D 10 19.61 -14.52 19.22
CA ASP D 10 19.00 -15.61 18.44
C ASP D 10 17.73 -15.04 17.84
N ILE D 11 17.71 -14.93 16.52
CA ILE D 11 16.62 -14.28 15.81
C ILE D 11 15.59 -15.34 15.42
N ALA D 12 14.30 -14.97 15.49
CA ALA D 12 13.20 -15.87 15.13
C ALA D 12 12.29 -15.15 14.15
N VAL D 13 11.65 -15.95 13.29
CA VAL D 13 10.68 -15.47 12.31
C VAL D 13 9.37 -16.17 12.67
N ASP D 14 8.38 -15.40 13.12
CA ASP D 14 7.13 -15.99 13.64
C ASP D 14 7.42 -17.15 14.60
N GLY D 15 8.41 -16.95 15.47
CA GLY D 15 8.78 -17.94 16.45
C GLY D 15 9.73 -19.03 16.01
N GLU D 16 9.99 -19.15 14.69
CA GLU D 16 10.89 -20.19 14.18
C GLU D 16 12.32 -19.69 14.16
N PRO D 17 13.28 -20.51 14.59
CA PRO D 17 14.67 -20.04 14.61
C PRO D 17 15.17 -19.70 13.22
N LEU D 18 15.75 -18.50 13.10
CA LEU D 18 16.42 -18.10 11.87
C LEU D 18 17.93 -18.28 11.97
N GLY D 19 18.53 -17.85 13.08
CA GLY D 19 19.97 -17.96 13.23
C GLY D 19 20.44 -17.02 14.31
N ARG D 20 21.73 -17.11 14.61
CA ARG D 20 22.35 -16.28 15.62
C ARG D 20 23.16 -15.15 15.00
N VAL D 21 23.00 -13.95 15.55
CA VAL D 21 23.84 -12.80 15.21
C VAL D 21 24.64 -12.45 16.46
N SER D 22 25.95 -12.30 16.32
CA SER D 22 26.75 -11.84 17.44
CA SER D 22 26.78 -11.85 17.43
C SER D 22 27.34 -10.48 17.11
N PHE D 23 27.64 -9.71 18.16
CA PHE D 23 28.15 -8.35 17.99
C PHE D 23 29.35 -8.11 18.89
N GLU D 24 30.33 -7.41 18.35
CA GLU D 24 31.39 -6.81 19.16
C GLU D 24 30.91 -5.42 19.57
N LEU D 25 30.94 -5.15 20.87
CA LEU D 25 30.54 -3.84 21.38
C LEU D 25 31.79 -3.04 21.70
N PHE D 26 31.89 -1.82 21.17
CA PHE D 26 33.13 -1.05 21.24
C PHE D 26 33.22 -0.30 22.57
N ALA D 27 33.33 -1.07 23.65
CA ALA D 27 33.47 -0.48 24.98
C ALA D 27 34.77 0.30 25.10
N ASP D 28 35.78 -0.04 24.31
CA ASP D 28 37.04 0.67 24.34
C ASP D 28 36.88 2.13 23.91
N LYS D 29 35.94 2.43 23.03
CA LYS D 29 35.78 3.79 22.52
C LYS D 29 34.46 4.44 22.89
N VAL D 30 33.43 3.65 23.19
CA VAL D 30 32.09 4.17 23.42
C VAL D 30 31.55 3.44 24.65
N PRO D 31 32.19 3.61 25.82
CA PRO D 31 31.90 2.69 26.94
C PRO D 31 30.48 2.78 27.49
N LYS D 32 29.92 3.98 27.65
N LYS D 32 29.92 3.98 27.65
CA LYS D 32 28.60 4.07 28.24
CA LYS D 32 28.60 4.07 28.25
C LYS D 32 27.53 3.47 27.34
C LYS D 32 27.53 3.48 27.35
N THR D 33 27.64 3.73 26.04
CA THR D 33 26.67 3.22 25.09
C THR D 33 26.82 1.71 24.92
N ALA D 34 28.06 1.22 24.86
CA ALA D 34 28.28 -0.21 24.77
C ALA D 34 27.75 -0.93 26.00
N GLU D 35 27.96 -0.35 27.20
CA GLU D 35 27.53 -1.01 28.43
C GLU D 35 26.02 -1.10 28.50
N ASN D 36 25.31 -0.06 28.04
CA ASN D 36 23.86 -0.13 27.97
C ASN D 36 23.42 -1.31 27.12
N PHE D 37 23.97 -1.43 25.91
CA PHE D 37 23.54 -2.51 25.03
C PHE D 37 23.89 -3.87 25.62
N ARG D 38 25.07 -3.98 26.23
CA ARG D 38 25.47 -5.24 26.84
C ARG D 38 24.48 -5.65 27.92
N ALA D 39 24.16 -4.73 28.83
CA ALA D 39 23.29 -5.07 29.95
C ALA D 39 21.87 -5.35 29.47
N LEU D 40 21.40 -4.65 28.44
CA LEU D 40 20.08 -4.94 27.90
C LEU D 40 20.04 -6.31 27.22
N SER D 41 21.19 -6.76 26.70
CA SER D 41 21.29 -8.08 26.07
C SER D 41 21.32 -9.23 27.08
N THR D 42 21.90 -9.01 28.26
CA THR D 42 21.91 -10.05 29.29
C THR D 42 20.64 -10.02 30.12
N GLY D 43 19.92 -8.90 30.11
CA GLY D 43 18.76 -8.77 30.96
C GLY D 43 19.09 -8.59 32.44
N GLU D 44 20.35 -8.31 32.78
CA GLU D 44 20.77 -8.34 34.18
C GLU D 44 20.15 -7.24 35.04
N LYS D 45 19.60 -6.18 34.45
CA LYS D 45 18.91 -5.15 35.22
C LYS D 45 17.44 -5.50 35.45
N GLY D 46 16.96 -6.60 34.88
CA GLY D 46 15.59 -6.99 35.04
C GLY D 46 14.70 -6.66 33.86
N PHE D 47 15.28 -6.12 32.79
CA PHE D 47 14.54 -5.79 31.57
C PHE D 47 15.57 -5.81 30.46
N GLY D 48 15.10 -5.84 29.22
CA GLY D 48 16.04 -5.80 28.11
C GLY D 48 15.42 -6.36 26.84
N TYR D 49 16.29 -6.75 25.91
CA TYR D 49 15.89 -7.03 24.54
C TYR D 49 15.18 -8.35 24.35
N LYS D 50 15.31 -9.31 25.26
CA LYS D 50 14.79 -10.64 24.97
C LYS D 50 13.28 -10.62 24.77
N GLY D 51 12.85 -11.09 23.61
CA GLY D 51 11.45 -11.11 23.24
C GLY D 51 11.03 -9.97 22.35
N SER D 52 11.85 -8.93 22.24
CA SER D 52 11.46 -7.74 21.50
C SER D 52 11.64 -7.96 20.00
N CYS D 53 11.12 -7.01 19.22
CA CYS D 53 10.93 -7.18 17.78
C CYS D 53 11.82 -6.24 16.99
N PHE D 54 12.24 -6.67 15.80
CA PHE D 54 12.78 -5.76 14.78
C PHE D 54 11.59 -5.19 14.02
N HIS D 55 11.14 -4.03 14.44
CA HIS D 55 9.88 -3.50 13.95
C HIS D 55 10.00 -2.79 12.62
N ARG D 56 11.19 -2.34 12.25
CA ARG D 56 11.35 -1.55 11.03
C ARG D 56 12.55 -2.10 10.28
N ILE D 57 12.31 -2.71 9.13
CA ILE D 57 13.37 -3.27 8.32
C ILE D 57 13.20 -2.72 6.92
N ILE D 58 14.19 -1.99 6.43
CA ILE D 58 14.10 -1.39 5.10
C ILE D 58 15.26 -1.92 4.27
N PRO D 59 14.98 -2.78 3.30
CA PRO D 59 16.05 -3.34 2.47
C PRO D 59 16.92 -2.26 1.85
N GLY D 60 18.23 -2.49 1.87
CA GLY D 60 19.20 -1.54 1.38
C GLY D 60 19.66 -0.52 2.41
N PHE D 61 19.07 -0.54 3.61
CA PHE D 61 19.41 0.47 4.61
C PHE D 61 19.74 -0.15 5.96
N MET D 62 18.73 -0.67 6.67
CA MET D 62 18.99 -1.12 8.03
C MET D 62 17.86 -2.00 8.56
N CYS D 63 18.18 -2.69 9.65
CA CYS D 63 17.21 -3.40 10.50
C CYS D 63 17.20 -2.71 11.86
N GLN D 64 16.03 -2.22 12.26
CA GLN D 64 15.89 -1.46 13.50
C GLN D 64 15.00 -2.22 14.49
N GLY D 65 15.41 -2.21 15.77
CA GLY D 65 14.64 -2.87 16.81
C GLY D 65 14.89 -2.23 18.15
N GLY D 66 14.53 -2.97 19.19
CA GLY D 66 14.87 -2.61 20.56
C GLY D 66 13.82 -1.94 21.41
N ASP D 67 12.55 -1.87 20.97
CA ASP D 67 11.51 -1.29 21.81
C ASP D 67 10.89 -2.40 22.64
N PHE D 68 11.34 -2.55 23.88
CA PHE D 68 10.79 -3.55 24.78
C PHE D 68 9.84 -2.93 25.80
N THR D 69 9.50 -1.65 25.65
CA THR D 69 8.58 -1.01 26.60
C THR D 69 7.19 -0.75 26.03
N ARG D 70 7.10 -0.15 24.85
CA ARG D 70 5.83 0.04 24.17
C ARG D 70 5.57 -1.01 23.12
N HIS D 71 6.61 -1.73 22.69
CA HIS D 71 6.45 -2.89 21.82
C HIS D 71 5.90 -2.50 20.46
N ASN D 72 6.12 -1.26 20.01
CA ASN D 72 5.51 -0.83 18.75
C ASN D 72 6.38 0.18 18.00
N GLY D 73 7.66 0.31 18.34
CA GLY D 73 8.58 1.19 17.65
C GLY D 73 8.61 2.61 18.20
N THR D 74 7.86 2.89 19.26
CA THR D 74 7.84 4.24 19.81
C THR D 74 8.60 4.37 21.12
N GLY D 75 8.93 3.26 21.77
CA GLY D 75 9.41 3.30 23.14
C GLY D 75 10.86 2.91 23.25
N GLY D 76 11.26 2.75 24.47
CA GLY D 76 12.64 2.40 24.73
C GLY D 76 13.03 2.92 26.08
N LYS D 77 13.96 2.23 26.71
N LYS D 77 14.10 2.32 26.62
CA LYS D 77 14.59 2.81 27.88
CA LYS D 77 14.52 2.52 28.01
C LYS D 77 15.98 2.23 28.00
C LYS D 77 15.98 2.11 28.11
N SER D 78 16.85 3.01 28.61
CA SER D 78 18.22 2.62 28.83
C SER D 78 18.40 2.15 30.27
N ILE D 79 19.59 1.63 30.56
CA ILE D 79 19.92 1.29 31.94
C ILE D 79 20.21 2.51 32.79
N TYR D 80 20.24 3.70 32.20
CA TYR D 80 20.54 4.95 32.88
C TYR D 80 19.30 5.79 33.12
N GLY D 81 18.15 5.31 32.70
CA GLY D 81 16.96 6.14 32.68
C GLY D 81 16.32 6.06 31.32
N GLU D 82 15.27 6.83 31.12
CA GLU D 82 14.55 6.76 29.85
C GLU D 82 15.43 7.12 28.68
N LYS D 83 16.29 8.13 28.85
CA LYS D 83 17.18 8.54 27.78
C LYS D 83 18.55 8.89 28.34
N PHE D 84 19.54 8.89 27.46
CA PHE D 84 20.88 9.34 27.80
C PHE D 84 21.50 10.09 26.63
N GLU D 85 22.53 10.88 26.94
CA GLU D 85 23.10 11.78 25.96
CA GLU D 85 23.10 11.78 25.97
C GLU D 85 23.92 11.03 24.93
N ASP D 86 24.09 11.67 23.78
CA ASP D 86 25.01 11.19 22.76
C ASP D 86 26.44 11.21 23.32
N GLU D 87 27.05 10.04 23.44
CA GLU D 87 28.31 9.92 24.16
C GLU D 87 29.46 10.49 23.35
N ASN D 88 29.58 10.09 22.10
CA ASN D 88 30.60 10.62 21.21
C ASN D 88 30.22 10.21 19.79
N PHE D 89 30.88 10.83 18.82
CA PHE D 89 30.70 10.51 17.42
C PHE D 89 32.02 10.05 16.81
N ILE D 90 32.82 9.32 17.60
CA ILE D 90 34.14 8.87 17.15
C ILE D 90 34.03 7.94 15.95
N LEU D 91 33.07 7.01 15.97
CA LEU D 91 32.92 6.03 14.92
C LEU D 91 31.83 6.43 13.94
N LYS D 92 31.98 5.96 12.69
CA LYS D 92 31.12 6.35 11.59
C LYS D 92 30.37 5.14 11.06
N HIS D 93 29.34 5.43 10.26
CA HIS D 93 28.48 4.39 9.67
C HIS D 93 29.13 4.00 8.34
N THR D 94 30.09 3.08 8.44
CA THR D 94 31.00 2.84 7.32
C THR D 94 30.56 1.73 6.39
N GLY D 95 29.53 0.95 6.72
CA GLY D 95 29.13 -0.16 5.89
C GLY D 95 28.22 -1.14 6.59
N PRO D 96 27.89 -2.24 5.91
CA PRO D 96 27.01 -3.25 6.51
C PRO D 96 27.59 -3.79 7.82
N GLY D 97 26.70 -4.05 8.75
CA GLY D 97 27.07 -4.64 10.02
C GLY D 97 27.28 -3.65 11.15
N ILE D 98 27.40 -2.35 10.86
CA ILE D 98 27.56 -1.34 11.91
C ILE D 98 26.32 -1.32 12.79
N LEU D 99 26.55 -1.26 14.09
CA LEU D 99 25.51 -1.22 15.10
C LEU D 99 25.51 0.18 15.72
N SER D 100 24.37 0.85 15.69
CA SER D 100 24.30 2.25 16.06
C SER D 100 22.98 2.52 16.77
N MET D 101 22.95 3.60 17.58
CA MET D 101 21.74 3.93 18.34
C MET D 101 20.70 4.65 17.51
N ALA D 102 19.44 4.20 17.61
CA ALA D 102 18.34 4.96 17.07
C ALA D 102 18.03 6.12 18.02
N ASN D 103 17.36 7.16 17.52
CA ASN D 103 17.02 8.27 18.41
C ASN D 103 15.94 9.10 17.76
N ALA D 104 15.45 10.05 18.54
CA ALA D 104 14.43 10.99 18.12
C ALA D 104 15.00 12.40 18.17
N GLY D 105 16.29 12.57 17.86
CA GLY D 105 16.97 13.84 17.94
C GLY D 105 18.08 13.80 18.97
N PRO D 106 18.72 14.94 19.19
CA PRO D 106 19.90 14.97 20.08
C PRO D 106 19.60 14.45 21.47
N ASN D 107 20.52 13.64 21.98
CA ASN D 107 20.52 13.20 23.37
C ASN D 107 19.24 12.47 23.78
N THR D 108 18.78 11.54 22.93
CA THR D 108 17.56 10.78 23.19
C THR D 108 17.82 9.29 23.04
N ASN D 109 19.02 8.82 23.30
CA ASN D 109 19.29 7.38 23.25
C ASN D 109 18.53 6.67 24.34
N GLY D 110 17.97 5.51 24.01
CA GLY D 110 17.23 4.70 24.97
C GLY D 110 17.71 3.27 24.85
N SER D 111 16.89 2.48 24.15
CA SER D 111 17.26 1.12 23.81
C SER D 111 17.19 0.80 22.33
N GLN D 112 16.40 1.53 21.55
CA GLN D 112 16.33 1.21 20.12
C GLN D 112 17.67 1.41 19.44
N PHE D 113 17.94 0.53 18.50
CA PHE D 113 19.22 0.46 17.81
C PHE D 113 18.92 0.04 16.38
N PHE D 114 19.93 0.16 15.52
CA PHE D 114 19.80 -0.38 14.18
C PHE D 114 21.11 -1.02 13.74
N ILE D 115 20.97 -1.99 12.85
CA ILE D 115 22.08 -2.69 12.20
C ILE D 115 22.08 -2.25 10.75
N CYS D 116 23.14 -1.58 10.31
CA CYS D 116 23.20 -1.14 8.92
C CYS D 116 23.37 -2.32 7.98
N THR D 117 22.72 -2.27 6.82
CA THR D 117 22.96 -3.23 5.76
C THR D 117 23.64 -2.59 4.57
N ALA D 118 24.02 -1.32 4.71
CA ALA D 118 24.75 -0.55 3.72
C ALA D 118 25.45 0.58 4.47
N LYS D 119 26.37 1.25 3.78
CA LYS D 119 26.93 2.48 4.33
C LYS D 119 25.81 3.52 4.47
N THR D 120 25.73 4.16 5.63
CA THR D 120 24.70 5.18 5.89
C THR D 120 25.39 6.45 6.41
N GLU D 121 26.27 7.02 5.60
CA GLU D 121 27.15 8.08 6.11
C GLU D 121 26.41 9.35 6.50
N TRP D 122 25.21 9.59 5.96
CA TRP D 122 24.41 10.75 6.33
C TRP D 122 23.98 10.71 7.80
N LEU D 123 24.10 9.56 8.47
CA LEU D 123 23.79 9.48 9.89
C LEU D 123 24.98 9.83 10.78
N ASP D 124 26.18 9.98 10.19
CA ASP D 124 27.37 10.29 10.97
C ASP D 124 27.17 11.60 11.71
N GLY D 125 27.50 11.61 12.98
CA GLY D 125 27.38 12.80 13.78
C GLY D 125 26.00 13.02 14.35
N LYS D 126 25.06 12.15 14.02
CA LYS D 126 23.70 12.22 14.53
C LYS D 126 23.30 10.98 15.31
N HIS D 127 23.86 9.82 14.97
CA HIS D 127 23.59 8.57 15.67
C HIS D 127 24.91 8.02 16.19
N VAL D 128 24.92 7.59 17.45
CA VAL D 128 26.14 7.05 18.05
C VAL D 128 26.39 5.60 17.63
N VAL D 129 27.50 5.38 16.91
CA VAL D 129 27.93 4.05 16.52
C VAL D 129 28.69 3.44 17.69
N PHE D 130 28.39 2.18 18.01
CA PHE D 130 28.97 1.58 19.21
C PHE D 130 29.31 0.10 19.05
N GLY D 131 29.11 -0.50 17.89
CA GLY D 131 29.47 -1.90 17.75
C GLY D 131 29.39 -2.33 16.30
N LYS D 132 29.60 -3.62 16.09
CA LYS D 132 29.48 -4.20 14.76
C LYS D 132 29.12 -5.67 14.86
N VAL D 133 28.45 -6.17 13.82
CA VAL D 133 28.22 -7.60 13.71
C VAL D 133 29.55 -8.31 13.60
N LYS D 134 29.72 -9.34 14.42
CA LYS D 134 30.88 -10.22 14.43
C LYS D 134 30.61 -11.44 13.58
N GLU D 135 29.64 -12.25 14.00
CA GLU D 135 29.23 -13.42 13.25
C GLU D 135 27.74 -13.29 12.94
N GLY D 136 27.32 -13.87 11.82
CA GLY D 136 25.90 -13.89 11.49
C GLY D 136 25.43 -12.78 10.58
N MET D 137 26.32 -12.11 9.84
CA MET D 137 25.83 -11.12 8.89
C MET D 137 24.90 -11.76 7.86
N ASN D 138 25.10 -13.04 7.52
CA ASN D 138 24.15 -13.71 6.64
C ASN D 138 22.76 -13.78 7.24
N ILE D 139 22.67 -13.84 8.58
CA ILE D 139 21.36 -13.85 9.23
C ILE D 139 20.71 -12.47 9.12
N VAL D 140 21.50 -11.40 9.30
CA VAL D 140 21.00 -10.05 9.08
C VAL D 140 20.52 -9.88 7.65
N GLU D 141 21.28 -10.40 6.68
CA GLU D 141 20.85 -10.34 5.30
C GLU D 141 19.53 -11.08 5.10
N ALA D 142 19.35 -12.20 5.82
CA ALA D 142 18.09 -12.93 5.74
C ALA D 142 16.93 -12.16 6.37
N MET D 143 17.18 -11.45 7.48
CA MET D 143 16.15 -10.61 8.08
C MET D 143 15.71 -9.51 7.14
N GLU D 144 16.69 -8.91 6.45
CA GLU D 144 16.43 -7.78 5.57
C GLU D 144 15.35 -8.13 4.56
N ARG D 145 15.26 -9.40 4.16
CA ARG D 145 14.31 -9.84 3.15
C ARG D 145 12.86 -9.79 3.62
N PHE D 146 12.60 -9.79 4.94
CA PHE D 146 11.24 -9.66 5.48
C PHE D 146 10.78 -8.21 5.58
N GLY D 147 11.62 -7.25 5.21
CA GLY D 147 11.26 -5.86 5.29
C GLY D 147 10.58 -5.34 4.02
N SER D 148 10.41 -4.02 3.97
CA SER D 148 9.76 -3.39 2.84
C SER D 148 10.17 -1.92 2.83
N ARG D 149 9.74 -1.22 1.77
CA ARG D 149 10.16 0.16 1.61
C ARG D 149 9.71 1.08 2.75
N ASN D 150 8.58 0.80 3.38
CA ASN D 150 8.11 1.62 4.50
C ASN D 150 8.49 1.04 5.85
N GLY D 151 9.32 -0.03 5.86
CA GLY D 151 9.81 -0.63 7.06
C GLY D 151 8.96 -1.74 7.62
N LYS D 152 7.69 -1.85 7.20
CA LYS D 152 6.84 -2.88 7.76
C LYS D 152 7.33 -4.25 7.34
N THR D 153 7.28 -5.21 8.27
CA THR D 153 7.79 -6.54 8.01
C THR D 153 6.66 -7.51 7.68
N SER D 154 6.95 -8.47 6.81
CA SER D 154 5.93 -9.41 6.37
C SER D 154 5.69 -10.54 7.35
N LYS D 155 6.66 -10.80 8.22
CA LYS D 155 6.53 -11.74 9.32
C LYS D 155 7.18 -11.10 10.52
N LYS D 156 6.87 -11.58 11.70
CA LYS D 156 7.36 -10.94 12.91
C LYS D 156 8.76 -11.44 13.26
N ILE D 157 9.71 -10.52 13.27
CA ILE D 157 11.12 -10.83 13.47
C ILE D 157 11.46 -10.45 14.90
N THR D 158 11.88 -11.41 15.71
CA THR D 158 12.07 -11.17 17.13
C THR D 158 13.43 -11.67 17.60
N ILE D 159 13.81 -11.14 18.75
CA ILE D 159 14.99 -11.59 19.47
C ILE D 159 14.48 -12.66 20.42
N ALA D 160 14.54 -13.93 19.98
CA ALA D 160 14.03 -15.01 20.81
C ALA D 160 14.89 -15.24 22.05
N ASP D 161 16.19 -15.05 21.93
CA ASP D 161 17.08 -15.17 23.07
C ASP D 161 18.24 -14.23 22.82
N CYS D 162 18.95 -13.91 23.89
CA CYS D 162 20.07 -12.99 23.79
C CYS D 162 20.87 -13.08 25.07
N GLY D 163 22.15 -12.73 24.96
CA GLY D 163 23.02 -12.79 26.13
C GLY D 163 24.43 -12.42 25.74
N GLN D 164 25.34 -12.65 26.68
CA GLN D 164 26.75 -12.31 26.48
C GLN D 164 27.57 -13.58 26.32
N LEU D 165 28.51 -13.56 25.38
CA LEU D 165 29.42 -14.66 25.13
C LEU D 165 30.77 -14.39 25.78
N GLU D 166 31.39 -15.43 26.29
CA GLU D 166 32.79 -15.26 26.65
C GLU D 166 33.66 -15.46 25.41
#